data_9ESS
#
_entry.id   9ESS
#
_cell.length_a   74.237
_cell.length_b   133.439
_cell.length_c   147.625
_cell.angle_alpha   90
_cell.angle_beta   90
_cell.angle_gamma   90
#
_symmetry.space_group_name_H-M   'P 21 21 21'
#
loop_
_entity.id
_entity.type
_entity.pdbx_description
1 polymer 'Cyclin-dependent kinase 2'
2 polymer Cyclin-A2
3 non-polymer (4-bromo-2-methoxyphenyl)methanol
4 water water
#
loop_
_entity_poly.entity_id
_entity_poly.type
_entity_poly.pdbx_seq_one_letter_code
_entity_poly.pdbx_strand_id
1 'polypeptide(L)'
;GPGSMENFQKVEKIGEGTYGVVYKARNKLTGEVVALKKIRLDTETEGVPSTAIREISLLKELNHPNIVKLLDVIHTENKL
YLVFEFLHQDLKKFMDASALTGIPLPLIKSYLFQLLQGLAFCHSHRVLHRDLKPQNLLINTEGAIKLADFGLARAFGVPV
RTY(TPO)HEVVTLWYRAPEILLGCKYYSTAVDIWSLGCIFAEMVTRRALFPGDSEIDQLFRIFRTLGTPDEVVWPGVTS
MPDYKPSFPKWARQDFSKVVPPLDEDGRSLLSQMLHYDPNKRISAKAALAHPFFQDVTKPVPHLRL
;
A,C
2 'polypeptide(L)'
;GVNEVPDYHEDIHTYLREMEVKCKPKVGYMKKQPDITNSMRAILVDWLVEVGEEYKLQNETLHLAVNYIDRFLSSMSVLR
GKLQLVGTAAMLLASKFEEIYPPEVAEFVYITDDTYTKKQVLRMEHLVLKVLAFDLAAPTINQFLTQYFLHQQPANCKVE
SLAMFLGELSLIDADPYLKYLPSVIAAAAFHLALYTVTGQSWPESLVQKTGYTLETLKPCLLDLHQTYLRAPQHAQQSIR
EKYKNSKYHGVSLLNPPETLNVHHHHHH
;
B,D
#
loop_
_chem_comp.id
_chem_comp.type
_chem_comp.name
_chem_comp.formula
UUG non-polymer (4-bromo-2-methoxyphenyl)methanol 'C8 H9 Br O2'
#
# COMPACT_ATOMS: atom_id res chain seq x y z
N GLY A 1 1.26 -0.85 -11.48
CA GLY A 1 0.86 -2.00 -10.66
C GLY A 1 1.64 -3.24 -11.06
N PRO A 2 1.37 -4.42 -10.48
CA PRO A 2 2.15 -5.61 -10.75
C PRO A 2 1.62 -6.37 -11.95
N GLY A 3 1.45 -5.68 -13.07
CA GLY A 3 0.84 -6.32 -14.25
C GLY A 3 1.41 -5.79 -15.54
N SER A 4 1.39 -6.61 -16.58
CA SER A 4 1.95 -6.23 -17.90
C SER A 4 1.09 -6.83 -19.01
N MET A 5 0.97 -6.13 -20.14
CA MET A 5 0.12 -6.61 -21.23
C MET A 5 0.56 -7.95 -21.84
N GLU A 6 1.84 -8.28 -21.71
CA GLU A 6 2.43 -9.50 -22.26
C GLU A 6 1.87 -10.77 -21.61
N ASN A 7 1.42 -10.66 -20.35
CA ASN A 7 0.88 -11.82 -19.68
C ASN A 7 -0.59 -12.01 -19.97
N PHE A 8 -1.21 -11.09 -20.74
CA PHE A 8 -2.62 -11.28 -21.06
C PHE A 8 -2.74 -11.80 -22.50
N GLN A 9 -3.47 -12.90 -22.70
CA GLN A 9 -3.89 -13.32 -24.03
C GLN A 9 -5.34 -12.89 -24.27
N LYS A 10 -5.60 -12.07 -25.31
CA LYS A 10 -6.95 -11.60 -25.62
C LYS A 10 -7.82 -12.75 -26.10
N VAL A 11 -9.12 -12.69 -25.75
CA VAL A 11 -10.03 -13.77 -26.06
C VAL A 11 -11.07 -13.28 -27.06
N GLU A 12 -11.74 -12.16 -26.77
CA GLU A 12 -12.79 -11.62 -27.64
C GLU A 12 -13.24 -10.27 -27.09
N LYS A 13 -14.06 -9.56 -27.88
CA LYS A 13 -14.65 -8.29 -27.41
C LYS A 13 -15.93 -8.63 -26.66
N ILE A 14 -16.21 -7.91 -25.58
CA ILE A 14 -17.37 -8.21 -24.75
C ILE A 14 -18.16 -6.93 -24.48
N GLY A 15 -17.68 -5.78 -24.96
CA GLY A 15 -18.35 -4.52 -24.62
C GLY A 15 -17.65 -3.29 -25.20
N GLU A 16 -18.23 -2.11 -24.96
CA GLU A 16 -17.75 -0.86 -25.53
C GLU A 16 -18.34 0.35 -24.80
N GLY A 17 -17.52 1.37 -24.57
CA GLY A 17 -18.03 2.61 -23.96
C GLY A 17 -17.29 3.82 -24.52
N THR A 18 -17.67 5.03 -24.11
CA THR A 18 -16.99 6.25 -24.57
C THR A 18 -15.52 6.05 -24.36
N TYR A 19 -15.16 5.43 -23.24
CA TYR A 19 -13.73 5.17 -22.93
C TYR A 19 -13.11 4.46 -24.10
N GLY A 20 -13.78 3.41 -24.57
CA GLY A 20 -13.20 2.62 -25.67
C GLY A 20 -13.87 1.28 -25.85
N VAL A 21 -13.21 0.21 -25.41
CA VAL A 21 -13.70 -1.13 -25.71
C VAL A 21 -13.37 -2.03 -24.53
N VAL A 22 -14.21 -3.04 -24.28
CA VAL A 22 -13.92 -3.97 -23.20
C VAL A 22 -13.62 -5.33 -23.82
N TYR A 23 -12.54 -5.98 -23.38
CA TYR A 23 -12.14 -7.27 -23.91
C TYR A 23 -12.07 -8.33 -22.80
N LYS A 24 -12.59 -9.52 -23.07
CA LYS A 24 -12.27 -10.67 -22.24
C LYS A 24 -10.85 -11.11 -22.57
N ALA A 25 -9.97 -11.20 -21.56
CA ALA A 25 -8.61 -11.70 -21.73
C ALA A 25 -8.30 -12.78 -20.69
N ARG A 26 -7.17 -13.45 -20.91
CA ARG A 26 -6.76 -14.54 -20.00
C ARG A 26 -5.31 -14.34 -19.56
N ASN A 27 -5.05 -14.50 -18.28
CA ASN A 27 -3.71 -14.36 -17.71
C ASN A 27 -2.94 -15.64 -17.99
N LYS A 28 -1.77 -15.54 -18.63
CA LYS A 28 -1.12 -16.71 -19.20
C LYS A 28 -0.34 -17.45 -18.13
N LEU A 29 -0.02 -16.79 -17.01
CA LEU A 29 0.68 -17.41 -15.89
C LEU A 29 -0.24 -17.98 -14.81
N THR A 30 -1.41 -17.34 -14.62
CA THR A 30 -2.30 -17.68 -13.51
C THR A 30 -3.56 -18.45 -13.96
N GLY A 31 -4.04 -18.20 -15.19
CA GLY A 31 -5.22 -18.85 -15.74
C GLY A 31 -6.43 -17.94 -15.60
N GLU A 32 -6.21 -16.77 -14.98
CA GLU A 32 -7.32 -15.92 -14.59
C GLU A 32 -7.92 -15.17 -15.77
N VAL A 33 -9.26 -15.32 -15.93
CA VAL A 33 -10.01 -14.60 -16.92
C VAL A 33 -10.25 -13.23 -16.32
N VAL A 34 -9.97 -12.19 -17.11
CA VAL A 34 -10.21 -10.80 -16.69
C VAL A 34 -11.01 -10.09 -17.79
N ALA A 35 -11.59 -8.95 -17.43
CA ALA A 35 -12.08 -8.04 -18.44
C ALA A 35 -11.02 -6.95 -18.55
N LEU A 36 -10.58 -6.63 -19.78
CA LEU A 36 -9.63 -5.52 -19.96
C LEU A 36 -10.35 -4.30 -20.56
N LYS A 37 -10.55 -3.23 -19.76
CA LYS A 37 -11.12 -1.99 -20.27
C LYS A 37 -9.99 -1.09 -20.76
N LYS A 38 -10.01 -0.77 -22.05
CA LYS A 38 -8.97 0.14 -22.61
C LYS A 38 -9.46 1.60 -22.62
N ILE A 39 -8.64 2.53 -22.13
CA ILE A 39 -8.97 3.98 -22.22
C ILE A 39 -7.95 4.56 -23.21
N ARG A 40 -8.43 5.33 -24.18
CA ARG A 40 -7.49 5.99 -25.11
C ARG A 40 -7.18 7.38 -24.56
N LEU A 41 -5.91 7.61 -24.23
CA LEU A 41 -5.51 8.96 -23.77
C LEU A 41 -4.92 9.70 -24.98
N ASP A 42 -4.76 8.99 -26.08
CA ASP A 42 -4.19 9.60 -27.32
C ASP A 42 -5.25 10.53 -27.90
N THR A 43 -6.50 10.07 -27.90
CA THR A 43 -7.61 10.92 -28.39
C THR A 43 -7.87 11.97 -27.35
N GLU A 44 -7.16 11.92 -26.23
CA GLU A 44 -7.45 12.86 -25.12
C GLU A 44 -6.45 14.02 -25.13
N THR A 45 -6.89 15.19 -25.60
CA THR A 45 -6.03 16.37 -25.56
C THR A 45 -6.16 17.00 -24.19
N GLU A 46 -7.05 16.44 -23.36
CA GLU A 46 -7.26 17.01 -22.00
C GLU A 46 -6.78 15.99 -20.97
N GLY A 47 -5.84 15.13 -21.35
CA GLY A 47 -5.24 14.21 -20.37
C GLY A 47 -6.17 13.11 -19.96
N VAL A 48 -5.93 12.55 -18.77
CA VAL A 48 -6.76 11.39 -18.33
C VAL A 48 -8.20 11.87 -18.11
N PRO A 49 -9.17 11.27 -18.81
CA PRO A 49 -10.59 11.60 -18.66
C PRO A 49 -10.99 11.61 -17.18
N SER A 50 -11.80 12.60 -16.77
CA SER A 50 -12.27 12.71 -15.39
C SER A 50 -13.08 11.47 -14.96
N THR A 51 -13.77 10.86 -15.92
CA THR A 51 -14.57 9.64 -15.69
C THR A 51 -13.67 8.50 -15.23
N ALA A 52 -12.48 8.40 -15.81
CA ALA A 52 -11.52 7.35 -15.52
C ALA A 52 -10.81 7.63 -14.19
N ILE A 53 -10.54 8.91 -13.88
CA ILE A 53 -9.90 9.28 -12.64
C ILE A 53 -10.80 8.90 -11.45
N ARG A 54 -12.10 9.11 -11.62
CA ARG A 54 -13.09 8.77 -10.62
C ARG A 54 -13.26 7.26 -10.52
N GLU A 55 -13.38 6.57 -11.65
CA GLU A 55 -13.64 5.15 -11.67
C GLU A 55 -12.52 4.38 -10.96
N ILE A 56 -11.25 4.70 -11.26
CA ILE A 56 -10.11 3.98 -10.73
C ILE A 56 -9.99 4.30 -9.23
N SER A 57 -9.93 5.60 -8.87
CA SER A 57 -9.78 6.05 -7.49
C SER A 57 -10.86 5.44 -6.58
N LEU A 58 -12.09 5.35 -7.10
CA LEU A 58 -13.21 4.88 -6.30
C LEU A 58 -13.23 3.36 -6.25
N LEU A 59 -12.98 2.68 -7.37
CA LEU A 59 -12.99 1.24 -7.39
C LEU A 59 -11.82 0.64 -6.57
N LYS A 60 -10.75 1.40 -6.40
CA LYS A 60 -9.57 0.99 -5.64
C LYS A 60 -9.89 0.83 -4.15
N GLU A 61 -10.84 1.64 -3.66
CA GLU A 61 -11.22 1.59 -2.26
C GLU A 61 -12.36 0.60 -1.98
N LEU A 62 -13.15 0.28 -3.01
CA LEU A 62 -14.39 -0.46 -2.83
C LEU A 62 -14.18 -1.96 -3.02
N ASN A 63 -13.72 -2.63 -1.96
CA ASN A 63 -13.51 -4.08 -1.98
C ASN A 63 -14.71 -4.71 -1.32
N HIS A 64 -15.55 -5.32 -2.14
CA HIS A 64 -16.83 -5.85 -1.69
C HIS A 64 -17.27 -6.88 -2.73
N PRO A 65 -17.79 -8.03 -2.26
CA PRO A 65 -18.19 -9.11 -3.17
C PRO A 65 -19.25 -8.76 -4.21
N ASN A 66 -20.03 -7.67 -4.01
CA ASN A 66 -21.08 -7.35 -4.95
C ASN A 66 -20.73 -6.05 -5.68
N ILE A 67 -19.45 -5.73 -5.66
CA ILE A 67 -18.91 -4.65 -6.46
C ILE A 67 -17.79 -5.31 -7.27
N VAL A 68 -17.73 -5.00 -8.57
CA VAL A 68 -16.76 -5.53 -9.49
C VAL A 68 -15.35 -5.16 -9.03
N LYS A 69 -14.41 -6.10 -9.12
CA LYS A 69 -13.05 -5.94 -8.61
C LYS A 69 -12.14 -5.40 -9.71
N LEU A 70 -11.59 -4.21 -9.47
CA LEU A 70 -10.50 -3.67 -10.27
C LEU A 70 -9.24 -4.32 -9.73
N LEU A 71 -8.65 -5.21 -10.53
CA LEU A 71 -7.50 -6.00 -10.14
C LEU A 71 -6.25 -5.18 -10.31
N ASP A 72 -6.26 -4.23 -11.26
CA ASP A 72 -5.04 -3.56 -11.68
C ASP A 72 -5.33 -2.43 -12.66
N VAL A 73 -4.35 -1.54 -12.85
CA VAL A 73 -4.35 -0.51 -13.90
C VAL A 73 -2.97 -0.54 -14.59
N ILE A 74 -2.93 -0.90 -15.87
CA ILE A 74 -1.70 -0.80 -16.63
C ILE A 74 -1.65 0.58 -17.29
N HIS A 75 -0.59 1.34 -16.95
CA HIS A 75 -0.55 2.79 -17.16
C HIS A 75 0.62 3.18 -18.05
N THR A 76 0.43 3.14 -19.37
CA THR A 76 1.45 3.69 -20.25
C THR A 76 1.07 5.14 -20.56
N GLU A 77 1.85 5.80 -21.43
CA GLU A 77 1.60 7.19 -21.79
C GLU A 77 0.48 7.27 -22.81
N ASN A 78 0.44 6.30 -23.72
CA ASN A 78 -0.57 6.30 -24.80
C ASN A 78 -1.87 5.68 -24.31
N LYS A 79 -1.78 4.64 -23.49
CA LYS A 79 -3.02 3.95 -23.12
C LYS A 79 -3.09 3.60 -21.64
N LEU A 80 -4.32 3.51 -21.15
CA LEU A 80 -4.62 3.05 -19.82
C LEU A 80 -5.47 1.79 -19.97
N TYR A 81 -5.04 0.70 -19.31
CA TYR A 81 -5.82 -0.54 -19.29
C TYR A 81 -6.33 -0.82 -17.87
N LEU A 82 -7.65 -1.00 -17.73
CA LEU A 82 -8.23 -1.35 -16.45
C LEU A 82 -8.46 -2.86 -16.40
N VAL A 83 -7.79 -3.56 -15.45
CA VAL A 83 -7.95 -5.00 -15.32
C VAL A 83 -9.04 -5.29 -14.29
N PHE A 84 -10.10 -5.95 -14.76
CA PHE A 84 -11.25 -6.23 -13.88
C PHE A 84 -11.46 -7.71 -13.80
N GLU A 85 -12.11 -8.16 -12.74
CA GLU A 85 -12.47 -9.59 -12.64
C GLU A 85 -13.47 -9.89 -13.75
N PHE A 86 -13.50 -11.12 -14.26
CA PHE A 86 -14.38 -11.39 -15.41
C PHE A 86 -15.69 -11.99 -14.96
N LEU A 87 -16.78 -11.34 -15.35
CA LEU A 87 -18.11 -11.90 -15.15
C LEU A 87 -18.74 -12.10 -16.52
N HIS A 88 -19.53 -13.17 -16.66
CA HIS A 88 -19.98 -13.69 -17.94
C HIS A 88 -21.00 -12.77 -18.63
N GLN A 89 -21.92 -12.15 -17.89
CA GLN A 89 -23.06 -11.50 -18.52
C GLN A 89 -23.52 -10.26 -17.73
N ASP A 90 -24.34 -9.40 -18.35
CA ASP A 90 -25.07 -8.33 -17.69
C ASP A 90 -26.50 -8.76 -17.37
N LEU A 91 -27.18 -8.04 -16.47
CA LEU A 91 -28.50 -8.44 -16.02
C LEU A 91 -29.51 -8.19 -17.15
N LYS A 92 -29.25 -7.19 -18.00
CA LYS A 92 -30.13 -6.85 -19.12
C LYS A 92 -30.22 -8.02 -20.10
N LYS A 93 -29.05 -8.58 -20.50
CA LYS A 93 -28.95 -9.65 -21.48
C LYS A 93 -29.59 -10.93 -20.93
N PHE A 94 -29.60 -11.10 -19.61
CA PHE A 94 -30.17 -12.30 -18.96
C PHE A 94 -31.67 -12.18 -18.86
N MET A 95 -32.17 -10.98 -18.57
CA MET A 95 -33.63 -10.75 -18.53
C MET A 95 -34.18 -11.03 -19.93
N ASP A 96 -33.48 -10.55 -20.96
CA ASP A 96 -33.88 -10.81 -22.36
C ASP A 96 -33.78 -12.31 -22.63
N ALA A 97 -32.83 -12.98 -21.99
CA ALA A 97 -32.59 -14.40 -22.16
C ALA A 97 -33.65 -15.21 -21.41
N SER A 98 -34.29 -14.60 -20.40
CA SER A 98 -35.42 -15.20 -19.72
C SER A 98 -36.76 -14.71 -20.29
N ALA A 99 -36.80 -14.15 -21.51
CA ALA A 99 -37.96 -13.43 -22.05
C ALA A 99 -39.28 -14.19 -21.89
N LEU A 100 -39.28 -15.50 -22.11
CA LEU A 100 -40.53 -16.24 -22.23
C LEU A 100 -40.69 -17.16 -21.02
N THR A 101 -39.54 -17.49 -20.41
CA THR A 101 -39.46 -18.37 -19.25
C THR A 101 -39.86 -17.63 -17.96
N GLY A 102 -39.50 -16.34 -17.85
CA GLY A 102 -39.61 -15.64 -16.58
C GLY A 102 -38.32 -15.86 -15.78
N ILE A 103 -37.93 -14.87 -14.95
CA ILE A 103 -36.80 -15.06 -14.05
C ILE A 103 -37.34 -15.60 -12.72
N PRO A 104 -36.81 -16.72 -12.20
CA PRO A 104 -37.31 -17.34 -10.95
C PRO A 104 -37.25 -16.51 -9.66
N LEU A 105 -38.32 -16.53 -8.85
CA LEU A 105 -38.44 -15.59 -7.73
C LEU A 105 -37.18 -15.63 -6.87
N PRO A 106 -36.64 -16.86 -6.59
CA PRO A 106 -35.44 -17.01 -5.79
C PRO A 106 -34.20 -16.33 -6.35
N LEU A 107 -34.04 -16.20 -7.68
CA LEU A 107 -32.97 -15.44 -8.28
C LEU A 107 -33.28 -13.94 -8.20
N ILE A 108 -34.54 -13.51 -8.42
CA ILE A 108 -34.92 -12.09 -8.30
C ILE A 108 -34.49 -11.63 -6.90
N LYS A 109 -34.81 -12.43 -5.87
CA LYS A 109 -34.62 -12.09 -4.47
C LYS A 109 -33.13 -12.06 -4.07
N SER A 110 -32.36 -13.09 -4.45
CA SER A 110 -30.92 -13.09 -4.27
C SER A 110 -30.22 -11.97 -5.05
N TYR A 111 -30.66 -11.67 -6.27
CA TYR A 111 -30.11 -10.52 -6.98
C TYR A 111 -30.43 -9.22 -6.23
N LEU A 112 -31.69 -8.93 -5.82
CA LEU A 112 -31.97 -7.62 -5.21
C LEU A 112 -31.13 -7.44 -3.92
N PHE A 113 -31.04 -8.53 -3.16
CA PHE A 113 -30.40 -8.52 -1.87
C PHE A 113 -28.88 -8.31 -1.94
N GLN A 114 -28.21 -8.92 -2.93
CA GLN A 114 -26.82 -8.61 -3.21
C GLN A 114 -26.65 -7.21 -3.79
N LEU A 115 -27.60 -6.71 -4.61
CA LEU A 115 -27.47 -5.36 -5.11
C LEU A 115 -27.56 -4.39 -3.93
N LEU A 116 -28.41 -4.70 -2.93
CA LEU A 116 -28.62 -3.80 -1.78
C LEU A 116 -27.40 -3.76 -0.85
N GLN A 117 -26.62 -4.86 -0.82
CA GLN A 117 -25.40 -4.98 -0.04
C GLN A 117 -24.26 -4.16 -0.67
N GLY A 118 -24.12 -4.21 -2.01
CA GLY A 118 -23.08 -3.46 -2.68
C GLY A 118 -23.36 -1.97 -2.70
N LEU A 119 -24.64 -1.62 -2.85
CA LEU A 119 -25.04 -0.24 -2.74
C LEU A 119 -24.74 0.22 -1.30
N ALA A 120 -25.07 -0.61 -0.27
CA ALA A 120 -24.96 -0.13 1.09
C ALA A 120 -23.50 0.18 1.36
N PHE A 121 -22.64 -0.66 0.79
CA PHE A 121 -21.21 -0.51 0.94
C PHE A 121 -20.68 0.71 0.17
N CYS A 122 -21.20 0.97 -1.05
CA CYS A 122 -20.83 2.21 -1.74
C CYS A 122 -21.23 3.42 -0.90
N HIS A 123 -22.49 3.45 -0.43
CA HIS A 123 -23.00 4.55 0.40
C HIS A 123 -22.21 4.69 1.71
N SER A 124 -21.75 3.58 2.27
CA SER A 124 -21.02 3.62 3.57
C SER A 124 -19.59 4.12 3.34
N HIS A 125 -19.16 4.18 2.09
CA HIS A 125 -17.80 4.67 1.74
C HIS A 125 -17.96 5.94 0.91
N ARG A 126 -18.94 6.78 1.23
CA ARG A 126 -19.18 8.09 0.55
C ARG A 126 -19.08 7.98 -0.97
N VAL A 127 -19.75 7.00 -1.58
CA VAL A 127 -19.76 6.90 -3.07
C VAL A 127 -21.19 6.77 -3.62
N LEU A 128 -21.56 7.61 -4.58
CA LEU A 128 -22.86 7.48 -5.28
C LEU A 128 -22.53 6.92 -6.68
N HIS A 129 -23.27 5.90 -7.14
CA HIS A 129 -23.05 5.29 -8.47
C HIS A 129 -23.60 6.19 -9.56
N ARG A 130 -24.88 6.57 -9.46
CA ARG A 130 -25.53 7.54 -10.40
C ARG A 130 -25.68 6.96 -11.82
N ASP A 131 -25.74 5.64 -11.98
CA ASP A 131 -26.04 5.02 -13.31
C ASP A 131 -26.41 3.55 -13.09
N LEU A 132 -27.22 3.29 -12.09
CA LEU A 132 -27.64 1.89 -11.81
C LEU A 132 -28.73 1.47 -12.81
N LYS A 133 -28.41 0.54 -13.69
CA LYS A 133 -29.36 0.07 -14.71
C LYS A 133 -28.98 -1.39 -14.99
N PRO A 134 -29.88 -2.28 -15.49
CA PRO A 134 -29.47 -3.66 -15.70
C PRO A 134 -28.18 -3.88 -16.51
N GLN A 135 -27.93 -3.03 -17.51
CA GLN A 135 -26.74 -3.09 -18.38
C GLN A 135 -25.45 -2.97 -17.57
N ASN A 136 -25.47 -2.28 -16.42
CA ASN A 136 -24.29 -2.01 -15.63
C ASN A 136 -24.20 -2.97 -14.42
N LEU A 137 -25.03 -4.03 -14.37
CA LEU A 137 -25.01 -5.03 -13.32
C LEU A 137 -24.55 -6.37 -13.91
N LEU A 138 -23.46 -6.93 -13.35
CA LEU A 138 -22.80 -8.10 -13.92
C LEU A 138 -23.05 -9.37 -13.11
N ILE A 139 -23.40 -10.44 -13.81
CA ILE A 139 -23.73 -11.68 -13.11
C ILE A 139 -22.67 -12.71 -13.45
N ASN A 140 -22.46 -13.69 -12.56
CA ASN A 140 -21.62 -14.84 -12.95
C ASN A 140 -22.42 -16.14 -12.86
N THR A 141 -21.72 -17.26 -13.00
CA THR A 141 -22.38 -18.55 -13.18
C THR A 141 -22.68 -19.20 -11.82
N GLU A 142 -22.18 -18.59 -10.74
CA GLU A 142 -22.30 -19.08 -9.39
C GLU A 142 -23.41 -18.40 -8.59
N GLY A 143 -23.94 -17.23 -9.03
CA GLY A 143 -25.11 -16.71 -8.34
C GLY A 143 -24.90 -15.30 -7.81
N ALA A 144 -23.74 -14.74 -8.15
CA ALA A 144 -23.41 -13.38 -7.78
C ALA A 144 -23.85 -12.42 -8.87
N ILE A 145 -24.41 -11.27 -8.46
CA ILE A 145 -24.60 -10.07 -9.28
C ILE A 145 -23.69 -9.00 -8.66
N LYS A 146 -22.98 -8.18 -9.48
CA LYS A 146 -22.17 -7.10 -8.93
C LYS A 146 -22.39 -5.79 -9.66
N LEU A 147 -22.36 -4.69 -8.88
CA LEU A 147 -22.44 -3.33 -9.42
C LEU A 147 -21.16 -3.04 -10.20
N ALA A 148 -21.31 -2.47 -11.41
CA ALA A 148 -20.16 -2.09 -12.23
C ALA A 148 -20.46 -0.80 -12.98
N ASP A 149 -19.54 -0.42 -13.88
CA ASP A 149 -19.54 0.87 -14.55
C ASP A 149 -19.65 2.03 -13.55
N PHE A 150 -18.52 2.42 -12.97
CA PHE A 150 -18.40 3.45 -11.94
C PHE A 150 -17.87 4.76 -12.56
N GLY A 151 -17.98 4.91 -13.90
CA GLY A 151 -17.54 6.08 -14.66
C GLY A 151 -18.43 7.30 -14.42
N LEU A 152 -19.67 7.10 -13.98
CA LEU A 152 -20.53 8.20 -13.55
C LEU A 152 -20.62 8.38 -12.03
N ALA A 153 -19.70 7.80 -11.27
CA ALA A 153 -19.84 7.74 -9.83
C ALA A 153 -19.18 8.96 -9.22
N ARG A 154 -19.49 9.22 -7.96
CA ARG A 154 -18.95 10.43 -7.35
C ARG A 154 -18.72 10.23 -5.86
N ALA A 155 -17.58 10.73 -5.39
CA ALA A 155 -17.28 10.78 -3.96
C ALA A 155 -17.97 11.96 -3.33
N PHE A 156 -18.86 11.68 -2.37
CA PHE A 156 -19.70 12.73 -1.77
C PHE A 156 -19.23 13.10 -0.38
N GLY A 157 -19.62 14.31 0.05
CA GLY A 157 -19.42 14.79 1.41
C GLY A 157 -20.75 14.82 2.14
N VAL A 158 -20.74 15.10 3.45
CA VAL A 158 -21.89 15.03 4.34
C VAL A 158 -21.98 16.38 5.07
N PRO A 159 -23.10 17.16 4.96
CA PRO A 159 -24.15 16.93 3.97
C PRO A 159 -23.68 17.12 2.52
N VAL A 160 -24.50 16.64 1.57
CA VAL A 160 -24.13 16.71 0.16
C VAL A 160 -24.12 18.16 -0.32
N ARG A 161 -23.39 18.34 -1.40
CA ARG A 161 -23.37 19.66 -2.07
C ARG A 161 -24.06 19.42 -3.42
N THR A 162 -24.18 20.45 -4.24
CA THR A 162 -24.75 20.31 -5.57
C THR A 162 -23.74 19.62 -6.50
N TYR A 163 -24.19 18.57 -7.17
CA TYR A 163 -23.35 17.78 -8.06
C TYR A 163 -23.98 17.88 -9.45
N TPO A 164 -23.41 17.18 -10.44
CA TPO A 164 -23.89 17.17 -11.82
CB TPO A 164 -23.06 16.19 -12.67
CG2 TPO A 164 -23.30 16.28 -14.16
OG1 TPO A 164 -21.64 16.55 -12.44
P TPO A 164 -20.67 15.58 -11.59
O1P TPO A 164 -21.34 15.36 -10.26
O2P TPO A 164 -19.38 16.40 -11.56
O3P TPO A 164 -20.54 14.29 -12.35
C TPO A 164 -25.37 16.77 -11.88
O TPO A 164 -25.80 15.84 -11.20
N HIS A 165 -26.13 17.51 -12.71
CA HIS A 165 -27.55 17.26 -12.85
C HIS A 165 -27.80 16.25 -13.98
N GLU A 166 -26.87 16.18 -14.92
CA GLU A 166 -27.03 15.23 -16.01
C GLU A 166 -26.69 13.81 -15.49
N VAL A 167 -27.57 13.23 -14.66
CA VAL A 167 -27.16 12.06 -13.89
C VAL A 167 -28.23 10.97 -14.00
N VAL A 168 -27.79 9.73 -14.19
CA VAL A 168 -28.62 8.54 -14.23
C VAL A 168 -29.31 8.43 -15.59
N THR A 169 -29.24 7.22 -16.17
CA THR A 169 -29.94 6.95 -17.43
C THR A 169 -31.44 7.17 -17.17
N LEU A 170 -32.17 7.81 -18.10
CA LEU A 170 -33.50 8.40 -17.93
C LEU A 170 -34.45 7.41 -17.27
N TRP A 171 -34.48 6.14 -17.71
CA TRP A 171 -35.52 5.26 -17.21
C TRP A 171 -35.35 4.91 -15.73
N TYR A 172 -34.16 5.21 -15.17
CA TYR A 172 -33.82 4.86 -13.81
C TYR A 172 -33.62 6.10 -12.93
N ARG A 173 -33.91 7.26 -13.54
CA ARG A 173 -33.71 8.56 -12.88
C ARG A 173 -34.81 8.88 -11.88
N ALA A 174 -34.41 9.42 -10.74
CA ALA A 174 -35.28 9.79 -9.64
C ALA A 174 -35.91 11.16 -9.86
N PRO A 175 -37.16 11.37 -9.40
CA PRO A 175 -37.89 12.64 -9.55
C PRO A 175 -37.16 13.90 -9.17
N GLU A 176 -36.33 13.81 -8.12
CA GLU A 176 -35.67 14.99 -7.57
C GLU A 176 -34.61 15.48 -8.56
N ILE A 177 -34.09 14.55 -9.39
CA ILE A 177 -33.21 14.95 -10.48
C ILE A 177 -34.06 15.53 -11.60
N LEU A 178 -35.16 14.86 -11.90
CA LEU A 178 -36.09 15.32 -12.91
C LEU A 178 -36.68 16.69 -12.56
N LEU A 179 -36.71 17.04 -11.26
CA LEU A 179 -37.36 18.29 -10.86
C LEU A 179 -36.36 19.39 -10.53
N GLY A 180 -35.10 19.18 -10.95
CA GLY A 180 -34.00 20.13 -10.85
C GLY A 180 -33.58 20.49 -9.43
N CYS A 181 -33.76 19.56 -8.47
CA CYS A 181 -33.48 19.88 -7.06
C CYS A 181 -32.02 20.32 -6.92
N LYS A 182 -31.75 21.30 -6.03
CA LYS A 182 -30.37 21.70 -5.79
C LYS A 182 -29.56 20.50 -5.30
N TYR A 183 -30.19 19.67 -4.47
CA TYR A 183 -29.43 18.56 -3.85
C TYR A 183 -30.07 17.21 -4.09
N TYR A 184 -29.22 16.20 -4.25
CA TYR A 184 -29.70 14.79 -4.38
C TYR A 184 -28.72 13.95 -3.55
N SER A 185 -29.14 12.77 -3.13
CA SER A 185 -28.27 11.95 -2.24
C SER A 185 -28.32 10.46 -2.59
N THR A 186 -28.19 9.62 -1.58
CA THR A 186 -28.13 8.17 -1.76
C THR A 186 -29.46 7.61 -2.20
N ALA A 187 -30.51 8.41 -2.09
CA ALA A 187 -31.87 7.94 -2.41
C ALA A 187 -32.04 7.76 -3.91
N VAL A 188 -31.21 8.43 -4.70
CA VAL A 188 -31.27 8.29 -6.16
C VAL A 188 -30.86 6.88 -6.65
N ASP A 189 -29.88 6.25 -5.96
CA ASP A 189 -29.43 4.90 -6.24
C ASP A 189 -30.49 3.87 -5.85
N ILE A 190 -31.26 4.14 -4.79
CA ILE A 190 -32.39 3.32 -4.40
C ILE A 190 -33.54 3.39 -5.41
N TRP A 191 -33.84 4.61 -5.90
CA TRP A 191 -34.84 4.76 -6.94
C TRP A 191 -34.49 3.84 -8.11
N SER A 192 -33.22 3.86 -8.49
CA SER A 192 -32.74 3.06 -9.61
C SER A 192 -32.88 1.57 -9.32
N LEU A 193 -32.60 1.12 -8.09
CA LEU A 193 -32.68 -0.29 -7.70
C LEU A 193 -34.12 -0.76 -7.67
N GLY A 194 -35.06 0.13 -7.27
CA GLY A 194 -36.50 -0.14 -7.29
C GLY A 194 -37.04 -0.36 -8.72
N CYS A 195 -36.56 0.47 -9.67
CA CYS A 195 -36.90 0.33 -11.08
C CYS A 195 -36.39 -1.03 -11.56
N ILE A 196 -35.17 -1.41 -11.12
CA ILE A 196 -34.51 -2.66 -11.47
C ILE A 196 -35.24 -3.88 -10.84
N PHE A 197 -35.76 -3.73 -9.61
CA PHE A 197 -36.49 -4.80 -8.92
C PHE A 197 -37.71 -5.13 -9.78
N ALA A 198 -38.46 -4.10 -10.15
CA ALA A 198 -39.65 -4.23 -10.98
C ALA A 198 -39.32 -4.85 -12.35
N GLU A 199 -38.21 -4.42 -12.97
CA GLU A 199 -37.75 -4.89 -14.27
C GLU A 199 -37.39 -6.38 -14.22
N MET A 200 -36.83 -6.85 -13.09
CA MET A 200 -36.50 -8.26 -12.91
C MET A 200 -37.77 -9.12 -12.85
N VAL A 201 -38.85 -8.57 -12.29
CA VAL A 201 -40.14 -9.25 -12.20
C VAL A 201 -40.89 -9.26 -13.55
N THR A 202 -40.78 -8.18 -14.35
CA THR A 202 -41.60 -7.97 -15.56
C THR A 202 -40.78 -8.20 -16.84
N ARG A 203 -39.38 -8.03 -16.62
CA ARG A 203 -38.45 -8.10 -17.79
C ARG A 203 -38.80 -6.94 -18.73
N ARG A 204 -39.40 -5.92 -18.25
CA ARG A 204 -39.64 -4.68 -18.98
C ARG A 204 -39.38 -3.52 -18.02
N ALA A 205 -38.89 -2.39 -18.56
CA ALA A 205 -38.65 -1.19 -17.76
C ALA A 205 -39.97 -0.63 -17.24
N LEU A 206 -39.96 -0.14 -15.99
CA LEU A 206 -41.11 0.37 -15.26
C LEU A 206 -41.50 1.77 -15.76
N PHE A 207 -40.52 2.64 -16.01
CA PHE A 207 -40.82 3.98 -16.52
C PHE A 207 -40.06 4.23 -17.81
N PRO A 208 -40.59 3.80 -19.00
CA PRO A 208 -39.88 3.91 -20.26
C PRO A 208 -40.13 5.24 -20.96
N GLY A 209 -39.54 6.31 -20.45
CA GLY A 209 -39.80 7.65 -20.99
C GLY A 209 -39.01 7.98 -22.24
N ASP A 210 -39.55 8.87 -23.06
CA ASP A 210 -38.88 9.30 -24.31
C ASP A 210 -38.32 10.69 -24.07
N SER A 211 -38.69 11.28 -22.95
CA SER A 211 -38.24 12.65 -22.61
C SER A 211 -38.20 12.78 -21.09
N GLU A 212 -37.62 13.86 -20.59
CA GLU A 212 -37.61 14.10 -19.13
C GLU A 212 -39.05 14.25 -18.64
N ILE A 213 -39.86 15.03 -19.36
CA ILE A 213 -41.26 15.32 -18.91
C ILE A 213 -42.11 14.06 -19.08
N ASP A 214 -41.83 13.24 -20.10
CA ASP A 214 -42.57 11.97 -20.30
C ASP A 214 -42.17 11.04 -19.15
N GLN A 215 -40.89 10.98 -18.84
CA GLN A 215 -40.43 10.19 -17.67
C GLN A 215 -41.19 10.67 -16.43
N LEU A 216 -41.19 11.98 -16.18
CA LEU A 216 -41.91 12.50 -15.02
C LEU A 216 -43.39 12.13 -15.05
N PHE A 217 -44.01 12.24 -16.24
CA PHE A 217 -45.44 12.03 -16.40
C PHE A 217 -45.78 10.54 -16.27
N ARG A 218 -44.86 9.66 -16.64
CA ARG A 218 -45.04 8.22 -16.54
C ARG A 218 -44.94 7.74 -15.09
N ILE A 219 -43.98 8.32 -14.34
CA ILE A 219 -43.85 8.10 -12.89
C ILE A 219 -45.10 8.60 -12.17
N PHE A 220 -45.55 9.83 -12.51
CA PHE A 220 -46.71 10.43 -11.89
C PHE A 220 -47.98 9.64 -12.25
N ARG A 221 -48.03 8.96 -13.41
CA ARG A 221 -49.25 8.23 -13.76
C ARG A 221 -49.28 6.87 -13.05
N THR A 222 -48.11 6.33 -12.67
CA THR A 222 -48.01 5.06 -11.99
C THR A 222 -48.16 5.24 -10.48
N LEU A 223 -47.55 6.29 -9.93
CA LEU A 223 -47.39 6.46 -8.50
C LEU A 223 -48.25 7.61 -7.99
N GLY A 224 -49.00 8.25 -8.91
CA GLY A 224 -49.75 9.45 -8.60
C GLY A 224 -48.90 10.71 -8.71
N THR A 225 -49.57 11.86 -8.84
CA THR A 225 -48.82 13.10 -8.95
C THR A 225 -48.61 13.63 -7.53
N PRO A 226 -47.35 13.82 -7.14
CA PRO A 226 -47.01 14.23 -5.77
C PRO A 226 -47.44 15.66 -5.37
N ASP A 227 -48.08 15.77 -4.20
CA ASP A 227 -48.46 17.03 -3.59
C ASP A 227 -47.58 17.28 -2.34
N GLU A 228 -47.89 18.40 -1.63
CA GLU A 228 -47.17 18.84 -0.42
C GLU A 228 -47.37 17.86 0.73
N VAL A 229 -48.48 17.10 0.70
CA VAL A 229 -48.74 16.07 1.69
C VAL A 229 -47.72 14.93 1.61
N VAL A 230 -47.55 14.33 0.43
CA VAL A 230 -46.72 13.15 0.28
C VAL A 230 -45.26 13.57 0.22
N TRP A 231 -44.98 14.78 -0.31
CA TRP A 231 -43.62 15.25 -0.59
C TRP A 231 -43.55 16.75 -0.29
N PRO A 232 -43.35 17.11 1.00
CA PRO A 232 -43.21 18.53 1.37
C PRO A 232 -42.08 19.16 0.55
N GLY A 233 -42.37 20.32 -0.07
CA GLY A 233 -41.40 21.07 -0.86
C GLY A 233 -41.46 20.81 -2.38
N VAL A 234 -42.30 19.87 -2.84
CA VAL A 234 -42.30 19.45 -4.23
C VAL A 234 -42.75 20.60 -5.15
N THR A 235 -43.76 21.36 -4.71
CA THR A 235 -44.40 22.39 -5.52
C THR A 235 -43.48 23.63 -5.62
N SER A 236 -42.49 23.73 -4.72
CA SER A 236 -41.47 24.76 -4.72
C SER A 236 -40.30 24.36 -5.61
N MET A 237 -40.22 23.09 -6.00
CA MET A 237 -39.04 22.59 -6.70
C MET A 237 -38.83 23.28 -8.06
N PRO A 238 -37.56 23.54 -8.45
CA PRO A 238 -37.24 24.35 -9.63
C PRO A 238 -37.97 24.02 -10.92
N ASP A 239 -38.12 22.74 -11.24
CA ASP A 239 -38.71 22.33 -12.50
C ASP A 239 -40.12 21.80 -12.25
N TYR A 240 -40.65 22.09 -11.07
CA TYR A 240 -42.05 21.80 -10.78
C TYR A 240 -42.94 22.85 -11.46
N LYS A 241 -43.99 22.35 -12.13
CA LYS A 241 -44.93 23.26 -12.76
C LYS A 241 -46.30 23.05 -12.12
N PRO A 242 -46.92 24.15 -11.65
CA PRO A 242 -48.32 24.13 -11.20
C PRO A 242 -49.28 23.51 -12.21
N SER A 243 -49.01 23.67 -13.52
CA SER A 243 -49.86 23.13 -14.59
C SER A 243 -49.72 21.62 -14.78
N PHE A 244 -48.72 20.99 -14.15
CA PHE A 244 -48.52 19.54 -14.20
C PHE A 244 -49.84 18.84 -13.93
N PRO A 245 -50.23 17.87 -14.77
CA PRO A 245 -51.50 17.15 -14.57
C PRO A 245 -51.46 16.45 -13.20
N LYS A 246 -52.60 16.41 -12.52
CA LYS A 246 -52.64 15.84 -11.18
C LYS A 246 -53.29 14.46 -11.21
N TRP A 247 -52.49 13.44 -11.56
CA TRP A 247 -52.92 12.06 -11.66
C TRP A 247 -53.07 11.47 -10.26
N ALA A 248 -54.12 10.64 -10.09
CA ALA A 248 -54.36 9.88 -8.88
C ALA A 248 -53.35 8.74 -8.76
N ARG A 249 -53.09 8.31 -7.51
CA ARG A 249 -52.22 7.17 -7.24
C ARG A 249 -53.04 5.91 -7.37
N GLN A 250 -52.65 5.02 -8.29
CA GLN A 250 -53.28 3.72 -8.42
C GLN A 250 -52.77 2.81 -7.28
N ASP A 251 -53.61 1.80 -6.95
CA ASP A 251 -53.27 0.76 -5.98
C ASP A 251 -51.95 0.12 -6.42
N PHE A 252 -50.98 0.03 -5.52
CA PHE A 252 -49.63 -0.41 -5.85
C PHE A 252 -49.62 -1.87 -6.30
N SER A 253 -50.71 -2.59 -5.98
CA SER A 253 -50.86 -3.96 -6.41
C SER A 253 -50.89 -4.04 -7.95
N LYS A 254 -51.28 -2.94 -8.62
CA LYS A 254 -51.47 -2.95 -10.07
C LYS A 254 -50.20 -2.49 -10.81
N VAL A 255 -49.31 -1.78 -10.14
CA VAL A 255 -47.99 -1.45 -10.69
C VAL A 255 -47.23 -2.72 -11.10
N VAL A 256 -47.12 -3.70 -10.20
CA VAL A 256 -46.43 -4.96 -10.52
C VAL A 256 -47.29 -6.10 -9.99
N PRO A 257 -48.31 -6.47 -10.78
CA PRO A 257 -49.32 -7.42 -10.30
C PRO A 257 -48.82 -8.74 -9.71
N PRO A 258 -47.81 -9.44 -10.28
CA PRO A 258 -47.37 -10.70 -9.68
C PRO A 258 -46.61 -10.63 -8.35
N LEU A 259 -46.16 -9.43 -7.92
CA LEU A 259 -45.51 -9.23 -6.62
C LEU A 259 -46.45 -9.56 -5.45
N ASP A 260 -45.89 -10.18 -4.42
CA ASP A 260 -46.61 -10.54 -3.21
C ASP A 260 -46.59 -9.34 -2.26
N GLU A 261 -47.32 -9.44 -1.14
CA GLU A 261 -47.34 -8.41 -0.11
C GLU A 261 -45.95 -7.86 0.29
N ASP A 262 -44.93 -8.72 0.45
CA ASP A 262 -43.60 -8.34 0.96
C ASP A 262 -42.82 -7.59 -0.10
N GLY A 263 -42.80 -8.13 -1.32
CA GLY A 263 -42.25 -7.48 -2.51
C GLY A 263 -42.81 -6.08 -2.72
N ARG A 264 -44.15 -5.97 -2.64
CA ARG A 264 -44.85 -4.69 -2.81
C ARG A 264 -44.47 -3.68 -1.72
N SER A 265 -44.42 -4.11 -0.45
CA SER A 265 -43.95 -3.26 0.64
C SER A 265 -42.60 -2.63 0.27
N LEU A 266 -41.67 -3.48 -0.23
CA LEU A 266 -40.31 -3.05 -0.42
C LEU A 266 -40.21 -2.17 -1.65
N LEU A 267 -40.87 -2.54 -2.77
CA LEU A 267 -40.92 -1.70 -3.96
C LEU A 267 -41.49 -0.33 -3.61
N SER A 268 -42.52 -0.29 -2.75
CA SER A 268 -43.12 0.97 -2.35
C SER A 268 -42.13 1.86 -1.61
N GLN A 269 -41.26 1.27 -0.79
CA GLN A 269 -40.35 2.07 0.04
C GLN A 269 -39.15 2.53 -0.75
N MET A 270 -38.85 1.81 -1.83
CA MET A 270 -37.77 2.16 -2.73
C MET A 270 -38.21 3.23 -3.74
N LEU A 271 -39.54 3.40 -3.89
CA LEU A 271 -40.09 4.30 -4.88
C LEU A 271 -40.91 5.40 -4.20
N HIS A 272 -40.59 5.70 -2.94
CA HIS A 272 -41.22 6.79 -2.22
C HIS A 272 -40.75 8.13 -2.83
N TYR A 273 -41.70 9.06 -3.00
CA TYR A 273 -41.42 10.31 -3.68
C TYR A 273 -40.37 11.09 -2.89
N ASP A 274 -40.61 11.20 -1.58
CA ASP A 274 -39.73 11.95 -0.68
C ASP A 274 -38.44 11.16 -0.48
N PRO A 275 -37.29 11.72 -0.92
CA PRO A 275 -35.98 11.11 -0.75
C PRO A 275 -35.65 10.87 0.72
N ASN A 276 -36.23 11.69 1.62
CA ASN A 276 -36.11 11.56 3.07
C ASN A 276 -36.83 10.31 3.61
N LYS A 277 -37.93 9.88 3.01
CA LYS A 277 -38.71 8.76 3.49
C LYS A 277 -38.35 7.49 2.73
N ARG A 278 -37.59 7.63 1.64
CA ARG A 278 -37.24 6.47 0.82
C ARG A 278 -36.28 5.57 1.60
N ILE A 279 -36.47 4.25 1.46
CA ILE A 279 -35.71 3.30 2.26
C ILE A 279 -34.23 3.35 1.90
N SER A 280 -33.34 3.20 2.90
CA SER A 280 -31.89 3.04 2.72
C SER A 280 -31.55 1.61 2.28
N ALA A 281 -30.39 1.43 1.59
CA ALA A 281 -29.95 0.08 1.23
C ALA A 281 -29.68 -0.74 2.49
N LYS A 282 -29.21 -0.06 3.54
CA LYS A 282 -28.89 -0.65 4.84
C LYS A 282 -30.15 -1.24 5.48
N ALA A 283 -31.21 -0.42 5.57
CA ALA A 283 -32.51 -0.79 6.15
C ALA A 283 -33.22 -1.88 5.35
N ALA A 284 -33.16 -1.79 4.01
CA ALA A 284 -33.79 -2.72 3.10
C ALA A 284 -33.31 -4.17 3.31
N LEU A 285 -32.06 -4.37 3.70
CA LEU A 285 -31.51 -5.71 3.97
C LEU A 285 -32.35 -6.47 5.02
N ALA A 286 -33.01 -5.76 5.95
CA ALA A 286 -33.84 -6.36 6.99
C ALA A 286 -35.31 -6.54 6.56
N HIS A 287 -35.63 -6.27 5.29
CA HIS A 287 -37.02 -6.33 4.84
C HIS A 287 -37.51 -7.79 4.80
N PRO A 288 -38.70 -8.03 5.37
CA PRO A 288 -39.35 -9.34 5.35
C PRO A 288 -39.35 -10.11 4.02
N PHE A 289 -39.29 -9.39 2.89
CA PHE A 289 -39.15 -9.98 1.56
C PHE A 289 -37.94 -10.91 1.47
N PHE A 290 -36.90 -10.67 2.29
CA PHE A 290 -35.67 -11.47 2.26
C PHE A 290 -35.54 -12.52 3.37
N GLN A 291 -36.61 -12.90 4.12
CA GLN A 291 -36.55 -13.91 5.17
C GLN A 291 -36.09 -15.27 4.65
N ASP A 292 -36.27 -15.56 3.36
CA ASP A 292 -35.96 -16.89 2.82
C ASP A 292 -34.97 -16.82 1.68
N VAL A 293 -34.17 -15.73 1.64
CA VAL A 293 -33.16 -15.49 0.61
C VAL A 293 -32.06 -16.56 0.69
N THR A 294 -31.63 -17.00 -0.51
CA THR A 294 -30.54 -17.94 -0.74
C THR A 294 -29.72 -17.35 -1.88
N LYS A 295 -28.59 -17.97 -2.23
CA LYS A 295 -27.81 -17.52 -3.38
C LYS A 295 -27.79 -18.64 -4.44
N PRO A 296 -28.90 -18.91 -5.17
CA PRO A 296 -28.87 -19.92 -6.24
C PRO A 296 -28.00 -19.47 -7.43
N VAL A 297 -27.42 -20.45 -8.12
CA VAL A 297 -26.76 -20.20 -9.40
C VAL A 297 -27.84 -19.74 -10.39
N PRO A 298 -27.48 -18.96 -11.44
CA PRO A 298 -28.44 -18.64 -12.52
C PRO A 298 -28.95 -19.90 -13.26
N HIS A 299 -30.18 -19.87 -13.76
CA HIS A 299 -30.84 -21.07 -14.27
C HIS A 299 -30.55 -21.35 -15.76
N LEU A 300 -29.92 -20.39 -16.44
CA LEU A 300 -29.60 -20.49 -17.85
C LEU A 300 -28.08 -20.49 -17.98
N ARG A 301 -27.61 -21.13 -19.05
CA ARG A 301 -26.15 -21.06 -19.36
C ARG A 301 -25.90 -19.64 -19.84
N LEU A 302 -24.79 -19.05 -19.42
CA LEU A 302 -24.46 -17.66 -19.72
C LEU A 302 -23.59 -17.58 -20.99
N GLY B 1 -32.21 15.51 6.72
CA GLY B 1 -32.73 14.29 6.06
C GLY B 1 -31.64 13.60 5.23
N VAL B 2 -32.08 13.01 4.11
CA VAL B 2 -31.23 12.16 3.30
C VAL B 2 -29.99 12.92 2.82
N ASN B 3 -30.06 14.26 2.75
CA ASN B 3 -28.92 15.06 2.29
C ASN B 3 -27.78 15.02 3.32
N GLU B 4 -28.11 14.65 4.56
CA GLU B 4 -27.17 14.43 5.64
C GLU B 4 -26.96 12.94 5.89
N VAL B 5 -27.34 12.09 4.92
CA VAL B 5 -27.17 10.64 4.97
C VAL B 5 -27.21 10.08 6.40
N PRO B 6 -28.33 10.24 7.12
CA PRO B 6 -28.45 9.71 8.48
C PRO B 6 -28.10 8.23 8.65
N ASP B 7 -28.32 7.38 7.63
CA ASP B 7 -28.05 5.96 7.74
C ASP B 7 -26.57 5.59 7.53
N TYR B 8 -25.74 6.58 7.16
CA TYR B 8 -24.40 6.33 6.65
C TYR B 8 -23.37 7.27 7.25
N HIS B 9 -23.82 8.31 7.97
CA HIS B 9 -22.92 9.38 8.42
C HIS B 9 -21.81 8.86 9.34
N GLU B 10 -22.14 7.94 10.26
CA GLU B 10 -21.17 7.35 11.19
C GLU B 10 -20.20 6.41 10.46
N ASP B 11 -20.72 5.51 9.60
CA ASP B 11 -19.89 4.65 8.77
C ASP B 11 -18.92 5.49 7.95
N ILE B 12 -19.42 6.62 7.41
CA ILE B 12 -18.62 7.49 6.57
C ILE B 12 -17.51 8.13 7.42
N HIS B 13 -17.85 8.72 8.58
CA HIS B 13 -16.90 9.36 9.48
C HIS B 13 -15.81 8.36 9.87
N THR B 14 -16.20 7.14 10.31
CA THR B 14 -15.24 6.10 10.65
C THR B 14 -14.30 5.82 9.46
N TYR B 15 -14.86 5.73 8.25
CA TYR B 15 -14.07 5.45 7.06
C TYR B 15 -13.06 6.54 6.74
N LEU B 16 -13.44 7.82 6.86
CA LEU B 16 -12.55 8.93 6.58
C LEU B 16 -11.40 8.94 7.59
N ARG B 17 -11.73 8.59 8.84
CA ARG B 17 -10.78 8.48 9.94
C ARG B 17 -9.67 7.49 9.61
N GLU B 18 -10.04 6.37 9.00
CA GLU B 18 -9.07 5.38 8.55
C GLU B 18 -8.27 5.91 7.36
N MET B 19 -8.94 6.53 6.38
CA MET B 19 -8.35 6.97 5.13
C MET B 19 -7.45 8.19 5.30
N GLU B 20 -7.75 9.06 6.27
CA GLU B 20 -6.89 10.21 6.55
C GLU B 20 -5.50 9.77 7.03
N VAL B 21 -5.43 8.64 7.73
CA VAL B 21 -4.16 8.09 8.19
C VAL B 21 -3.40 7.53 6.99
N LYS B 22 -4.09 6.84 6.08
CA LYS B 22 -3.48 6.31 4.86
C LYS B 22 -3.06 7.43 3.92
N CYS B 23 -3.79 8.55 3.88
CA CYS B 23 -3.53 9.63 2.93
C CYS B 23 -2.62 10.70 3.53
N LYS B 24 -2.03 10.40 4.69
CA LYS B 24 -1.23 11.43 5.40
C LYS B 24 0.13 11.62 4.74
N PRO B 25 0.58 12.87 4.56
CA PRO B 25 1.91 13.10 4.05
C PRO B 25 2.97 12.93 5.13
N LYS B 26 4.23 12.80 4.73
CA LYS B 26 5.35 12.69 5.69
C LYS B 26 5.55 14.03 6.39
N VAL B 27 5.45 14.06 7.71
CA VAL B 27 5.57 15.34 8.47
C VAL B 27 6.92 15.99 8.16
N GLY B 28 7.96 15.18 7.97
CA GLY B 28 9.29 15.77 7.76
C GLY B 28 9.81 15.57 6.36
N TYR B 29 9.11 16.12 5.37
CA TYR B 29 9.52 15.86 3.96
C TYR B 29 10.35 17.03 3.46
N MET B 30 10.14 18.23 4.01
CA MET B 30 10.84 19.42 3.46
C MET B 30 12.32 19.38 3.84
N LYS B 31 12.64 18.81 4.99
CA LYS B 31 14.06 18.67 5.40
C LYS B 31 14.76 17.80 4.35
N LYS B 32 14.05 16.82 3.79
CA LYS B 32 14.64 15.90 2.80
C LYS B 32 14.49 16.51 1.41
N GLN B 33 13.81 17.64 1.32
CA GLN B 33 13.69 18.35 0.02
C GLN B 33 14.90 19.28 -0.07
N PRO B 34 15.88 18.98 -0.93
CA PRO B 34 17.11 19.75 -0.97
C PRO B 34 17.04 21.12 -1.59
N ASP B 35 15.97 21.41 -2.32
CA ASP B 35 15.92 22.66 -3.07
C ASP B 35 14.71 23.52 -2.79
N ILE B 36 13.73 23.00 -2.03
CA ILE B 36 12.51 23.74 -1.77
C ILE B 36 12.30 23.83 -0.26
N THR B 37 11.54 24.84 0.17
CA THR B 37 11.38 25.15 1.59
C THR B 37 9.89 25.23 1.92
N ASN B 38 9.60 25.37 3.21
CA ASN B 38 8.24 25.65 3.67
C ASN B 38 7.76 26.97 3.10
N SER B 39 8.67 27.95 2.99
CA SER B 39 8.36 29.27 2.48
C SER B 39 7.88 29.20 1.02
N MET B 40 8.54 28.34 0.22
CA MET B 40 8.18 28.14 -1.18
C MET B 40 6.83 27.42 -1.28
N ARG B 41 6.56 26.44 -0.41
CA ARG B 41 5.31 25.72 -0.44
C ARG B 41 4.17 26.68 -0.11
N ALA B 42 4.39 27.58 0.84
CA ALA B 42 3.39 28.58 1.23
C ALA B 42 3.07 29.51 0.07
N ILE B 43 4.08 29.85 -0.74
CA ILE B 43 3.89 30.66 -1.93
C ILE B 43 3.04 29.90 -2.95
N LEU B 44 3.30 28.60 -3.15
CA LEU B 44 2.55 27.78 -4.08
C LEU B 44 1.09 27.67 -3.68
N VAL B 45 0.83 27.37 -2.40
CA VAL B 45 -0.50 27.11 -1.90
C VAL B 45 -1.32 28.40 -1.92
N ASP B 46 -0.67 29.53 -1.66
CA ASP B 46 -1.34 30.81 -1.65
C ASP B 46 -1.77 31.15 -3.07
N TRP B 47 -0.93 30.82 -4.05
CA TRP B 47 -1.25 30.94 -5.46
C TRP B 47 -2.45 30.07 -5.82
N LEU B 48 -2.46 28.82 -5.36
CA LEU B 48 -3.56 27.93 -5.64
C LEU B 48 -4.88 28.46 -5.09
N VAL B 49 -4.85 29.21 -3.98
CA VAL B 49 -6.04 29.82 -3.40
C VAL B 49 -6.59 30.87 -4.37
N GLU B 50 -5.69 31.73 -4.86
CA GLU B 50 -6.03 32.73 -5.85
C GLU B 50 -6.60 32.11 -7.13
N VAL B 51 -6.00 31.01 -7.62
CA VAL B 51 -6.48 30.31 -8.81
C VAL B 51 -7.90 29.76 -8.61
N GLY B 52 -8.19 29.20 -7.40
CA GLY B 52 -9.51 28.70 -7.06
C GLY B 52 -10.54 29.82 -7.00
N GLU B 53 -10.12 31.03 -6.63
CA GLU B 53 -11.02 32.18 -6.65
C GLU B 53 -11.27 32.66 -8.08
N GLU B 54 -10.23 32.63 -8.92
CA GLU B 54 -10.31 33.07 -10.31
C GLU B 54 -11.24 32.18 -11.15
N TYR B 55 -11.17 30.85 -10.95
CA TYR B 55 -11.93 29.90 -11.73
C TYR B 55 -13.19 29.49 -10.98
N LYS B 56 -13.41 30.14 -9.82
CA LYS B 56 -14.57 29.92 -8.98
C LYS B 56 -14.72 28.41 -8.72
N LEU B 57 -13.65 27.80 -8.21
CA LEU B 57 -13.60 26.39 -7.87
C LEU B 57 -14.03 26.19 -6.43
N GLN B 58 -14.49 24.98 -6.10
CA GLN B 58 -14.84 24.61 -4.74
C GLN B 58 -13.63 24.64 -3.81
N ASN B 59 -13.88 24.86 -2.52
CA ASN B 59 -12.84 24.79 -1.51
C ASN B 59 -12.33 23.34 -1.39
N GLU B 60 -13.24 22.38 -1.47
CA GLU B 60 -12.85 20.98 -1.50
C GLU B 60 -11.69 20.74 -2.49
N THR B 61 -11.76 21.33 -3.69
CA THR B 61 -10.79 21.13 -4.75
C THR B 61 -9.41 21.64 -4.33
N LEU B 62 -9.35 22.85 -3.75
CA LEU B 62 -8.15 23.39 -3.12
C LEU B 62 -7.54 22.40 -2.15
N HIS B 63 -8.33 21.92 -1.17
CA HIS B 63 -7.87 20.98 -0.13
C HIS B 63 -7.31 19.69 -0.72
N LEU B 64 -7.98 19.14 -1.75
CA LEU B 64 -7.54 17.90 -2.39
C LEU B 64 -6.15 18.14 -3.00
N ALA B 65 -6.03 19.24 -3.75
CA ALA B 65 -4.83 19.56 -4.50
C ALA B 65 -3.63 19.68 -3.54
N VAL B 66 -3.85 20.32 -2.38
CA VAL B 66 -2.84 20.48 -1.38
C VAL B 66 -2.43 19.09 -0.86
N ASN B 67 -3.42 18.21 -0.60
CA ASN B 67 -3.13 16.83 -0.18
C ASN B 67 -2.24 16.12 -1.22
N TYR B 68 -2.60 16.24 -2.50
CA TYR B 68 -1.87 15.60 -3.58
C TYR B 68 -0.43 16.12 -3.62
N ILE B 69 -0.25 17.43 -3.44
CA ILE B 69 1.05 18.06 -3.49
C ILE B 69 1.94 17.54 -2.36
N ASP B 70 1.44 17.55 -1.12
CA ASP B 70 2.21 17.13 0.04
C ASP B 70 2.58 15.65 -0.05
N ARG B 71 1.65 14.80 -0.49
CA ARG B 71 1.90 13.37 -0.68
C ARG B 71 2.93 13.16 -1.78
N PHE B 72 2.83 13.94 -2.85
CA PHE B 72 3.80 13.86 -3.94
C PHE B 72 5.19 14.23 -3.43
N LEU B 73 5.31 15.34 -2.68
CA LEU B 73 6.59 15.84 -2.20
C LEU B 73 7.15 14.96 -1.08
N SER B 74 6.30 14.10 -0.52
CA SER B 74 6.72 13.10 0.47
C SER B 74 7.63 12.02 -0.14
N SER B 75 7.59 11.80 -1.46
CA SER B 75 8.40 10.76 -2.09
C SER B 75 9.21 11.27 -3.30
N MET B 76 8.88 12.46 -3.82
CA MET B 76 9.51 12.95 -5.04
C MET B 76 10.24 14.27 -4.78
N SER B 77 11.54 14.22 -5.02
CA SER B 77 12.42 15.36 -4.86
C SER B 77 12.15 16.28 -6.05
N VAL B 78 11.93 17.58 -5.78
CA VAL B 78 11.51 18.51 -6.83
C VAL B 78 12.34 19.79 -6.78
N LEU B 79 12.86 20.20 -7.95
CA LEU B 79 13.53 21.48 -8.15
C LEU B 79 12.52 22.62 -8.07
N ARG B 80 12.97 23.79 -7.60
CA ARG B 80 12.09 24.92 -7.34
C ARG B 80 11.47 25.45 -8.64
N GLY B 81 12.15 25.32 -9.78
CA GLY B 81 11.62 25.75 -11.07
C GLY B 81 10.50 24.85 -11.59
N LYS B 82 10.23 23.75 -10.86
CA LYS B 82 9.22 22.79 -11.26
C LYS B 82 8.15 22.66 -10.19
N LEU B 83 8.25 23.40 -9.11
CA LEU B 83 7.29 23.25 -8.03
C LEU B 83 5.88 23.66 -8.50
N GLN B 84 5.80 24.65 -9.41
CA GLN B 84 4.54 25.16 -9.92
C GLN B 84 3.93 24.18 -10.92
N LEU B 85 4.77 23.34 -11.57
CA LEU B 85 4.28 22.32 -12.46
C LEU B 85 3.60 21.21 -11.66
N VAL B 86 4.20 20.79 -10.53
CA VAL B 86 3.57 19.84 -9.62
C VAL B 86 2.22 20.41 -9.17
N GLY B 87 2.22 21.67 -8.72
CA GLY B 87 1.05 22.33 -8.19
C GLY B 87 -0.08 22.47 -9.20
N THR B 88 0.25 22.82 -10.44
CA THR B 88 -0.72 22.95 -11.53
C THR B 88 -1.36 21.58 -11.84
N ALA B 89 -0.53 20.53 -11.92
CA ALA B 89 -1.02 19.18 -12.17
C ALA B 89 -1.90 18.71 -11.01
N ALA B 90 -1.57 19.08 -9.77
CA ALA B 90 -2.36 18.72 -8.62
C ALA B 90 -3.75 19.34 -8.71
N MET B 91 -3.84 20.62 -9.07
CA MET B 91 -5.08 21.38 -9.16
C MET B 91 -5.95 20.90 -10.34
N LEU B 92 -5.33 20.48 -11.45
CA LEU B 92 -6.02 19.86 -12.57
C LEU B 92 -6.65 18.54 -12.16
N LEU B 93 -5.89 17.69 -11.47
CA LEU B 93 -6.38 16.40 -11.03
C LEU B 93 -7.53 16.62 -10.05
N ALA B 94 -7.30 17.46 -9.03
CA ALA B 94 -8.30 17.83 -8.04
C ALA B 94 -9.58 18.34 -8.70
N SER B 95 -9.45 19.18 -9.72
CA SER B 95 -10.56 19.75 -10.47
C SER B 95 -11.33 18.66 -11.23
N LYS B 96 -10.64 17.77 -11.93
CA LYS B 96 -11.32 16.69 -12.63
C LYS B 96 -12.03 15.77 -11.65
N PHE B 97 -11.51 15.62 -10.43
CA PHE B 97 -12.13 14.76 -9.42
C PHE B 97 -13.41 15.36 -8.84
N GLU B 98 -13.34 16.63 -8.42
CA GLU B 98 -14.33 17.23 -7.54
C GLU B 98 -15.29 18.19 -8.25
N GLU B 99 -14.89 18.81 -9.38
CA GLU B 99 -15.68 19.82 -10.07
C GLU B 99 -16.61 19.23 -11.14
N ILE B 100 -17.82 19.82 -11.24
CA ILE B 100 -18.81 19.55 -12.26
C ILE B 100 -18.25 20.05 -13.58
N TYR B 101 -17.70 21.26 -13.56
CA TYR B 101 -17.09 21.88 -14.73
C TYR B 101 -15.62 22.21 -14.42
N PRO B 102 -14.68 21.25 -14.51
CA PRO B 102 -13.28 21.58 -14.36
C PRO B 102 -12.84 22.55 -15.45
N PRO B 103 -11.91 23.46 -15.16
CA PRO B 103 -11.30 24.29 -16.21
C PRO B 103 -10.55 23.39 -17.18
N GLU B 104 -10.39 23.86 -18.42
CA GLU B 104 -9.72 23.06 -19.43
C GLU B 104 -8.22 23.09 -19.16
N VAL B 105 -7.49 22.12 -19.71
CA VAL B 105 -6.05 22.03 -19.53
C VAL B 105 -5.38 23.31 -20.04
N ALA B 106 -5.93 23.90 -21.12
CA ALA B 106 -5.36 25.12 -21.65
C ALA B 106 -5.45 26.25 -20.62
N GLU B 107 -6.51 26.22 -19.81
CA GLU B 107 -6.69 27.23 -18.78
C GLU B 107 -5.62 27.08 -17.71
N PHE B 108 -5.21 25.84 -17.41
CA PHE B 108 -4.17 25.62 -16.43
C PHE B 108 -2.80 26.04 -16.95
N VAL B 109 -2.54 25.84 -18.25
CA VAL B 109 -1.31 26.30 -18.86
C VAL B 109 -1.26 27.82 -18.76
N TYR B 110 -2.37 28.49 -19.10
CA TYR B 110 -2.49 29.93 -19.10
C TYR B 110 -2.16 30.54 -17.73
N ILE B 111 -2.66 29.94 -16.63
CA ILE B 111 -2.42 30.53 -15.31
C ILE B 111 -0.96 30.46 -14.89
N THR B 112 -0.14 29.65 -15.58
CA THR B 112 1.28 29.51 -15.27
C THR B 112 2.14 30.48 -16.09
N ASP B 113 1.50 31.41 -16.83
CA ASP B 113 2.18 32.41 -17.64
C ASP B 113 3.03 31.82 -18.76
N ASP B 114 2.66 30.62 -19.24
CA ASP B 114 3.43 29.91 -20.25
C ASP B 114 4.83 29.62 -19.72
N THR B 115 4.95 29.36 -18.41
CA THR B 115 6.17 28.83 -17.82
C THR B 115 6.34 27.40 -18.32
N TYR B 116 5.19 26.74 -18.51
CA TYR B 116 5.16 25.36 -18.92
C TYR B 116 4.25 25.22 -20.12
N THR B 117 4.51 24.15 -20.88
CA THR B 117 3.74 23.80 -22.07
C THR B 117 2.59 22.90 -21.63
N LYS B 118 1.56 22.77 -22.47
CA LYS B 118 0.44 21.85 -22.17
C LYS B 118 0.99 20.42 -22.03
N LYS B 119 2.00 20.11 -22.82
CA LYS B 119 2.59 18.77 -22.78
C LYS B 119 3.25 18.49 -21.42
N GLN B 120 3.89 19.50 -20.84
CA GLN B 120 4.48 19.37 -19.52
C GLN B 120 3.42 19.14 -18.43
N VAL B 121 2.28 19.84 -18.53
CA VAL B 121 1.20 19.70 -17.56
C VAL B 121 0.64 18.28 -17.63
N LEU B 122 0.34 17.82 -18.83
CA LEU B 122 -0.31 16.50 -19.00
C LEU B 122 0.63 15.38 -18.56
N ARG B 123 1.94 15.62 -18.64
CA ARG B 123 2.92 14.55 -18.29
C ARG B 123 3.08 14.52 -16.78
N MET B 124 3.04 15.69 -16.14
CA MET B 124 3.07 15.73 -14.66
C MET B 124 1.74 15.18 -14.15
N GLU B 125 0.65 15.47 -14.87
CA GLU B 125 -0.62 14.89 -14.47
C GLU B 125 -0.44 13.39 -14.33
N HIS B 126 0.15 12.75 -15.35
CA HIS B 126 0.34 11.30 -15.36
C HIS B 126 1.27 10.90 -14.23
N LEU B 127 2.36 11.64 -14.04
CA LEU B 127 3.35 11.31 -12.99
C LEU B 127 2.70 11.33 -11.60
N VAL B 128 1.92 12.38 -11.31
CA VAL B 128 1.26 12.50 -9.97
C VAL B 128 0.35 11.29 -9.77
N LEU B 129 -0.43 10.93 -10.78
CA LEU B 129 -1.36 9.79 -10.68
C LEU B 129 -0.58 8.51 -10.41
N LYS B 130 0.59 8.38 -11.04
CA LYS B 130 1.45 7.19 -10.84
C LYS B 130 2.04 7.20 -9.43
N VAL B 131 2.53 8.35 -8.98
CA VAL B 131 3.14 8.44 -7.63
C VAL B 131 2.05 8.23 -6.57
N LEU B 132 0.85 8.71 -6.83
CA LEU B 132 -0.24 8.60 -5.83
C LEU B 132 -1.02 7.30 -6.07
N ALA B 133 -0.65 6.55 -7.12
CA ALA B 133 -1.33 5.26 -7.40
C ALA B 133 -2.82 5.49 -7.59
N PHE B 134 -3.19 6.67 -8.10
CA PHE B 134 -4.60 7.02 -8.37
C PHE B 134 -5.42 7.10 -7.08
N ASP B 135 -4.79 7.22 -5.93
CA ASP B 135 -5.55 7.36 -4.66
C ASP B 135 -5.89 8.84 -4.47
N LEU B 136 -7.01 9.28 -5.00
CA LEU B 136 -7.33 10.73 -5.00
C LEU B 136 -8.53 11.05 -4.10
N ALA B 137 -9.27 10.03 -3.68
CA ALA B 137 -10.42 10.23 -2.77
C ALA B 137 -9.89 10.37 -1.35
N ALA B 138 -9.15 11.44 -1.10
CA ALA B 138 -8.53 11.65 0.20
C ALA B 138 -9.46 12.49 1.07
N PRO B 139 -9.59 12.14 2.38
CA PRO B 139 -10.29 13.01 3.32
C PRO B 139 -9.61 14.38 3.41
N THR B 140 -10.44 15.42 3.43
CA THR B 140 -9.97 16.80 3.60
C THR B 140 -10.47 17.37 4.93
N ILE B 141 -9.93 18.53 5.33
CA ILE B 141 -10.46 19.26 6.47
C ILE B 141 -11.95 19.55 6.29
N ASN B 142 -12.36 19.94 5.08
CA ASN B 142 -13.75 20.30 4.78
C ASN B 142 -14.72 19.16 5.03
N GLN B 143 -14.39 17.95 4.58
CA GLN B 143 -15.27 16.80 4.79
C GLN B 143 -15.55 16.59 6.27
N PHE B 144 -14.59 16.95 7.15
CA PHE B 144 -14.76 16.83 8.59
C PHE B 144 -15.63 17.97 9.10
N LEU B 145 -15.30 19.21 8.69
CA LEU B 145 -15.97 20.44 9.09
C LEU B 145 -17.49 20.41 8.83
N THR B 146 -17.89 19.98 7.62
CA THR B 146 -19.29 19.91 7.23
C THR B 146 -20.07 18.97 8.14
N GLN B 147 -19.48 17.83 8.54
CA GLN B 147 -20.10 16.92 9.51
C GLN B 147 -20.18 17.58 10.90
N TYR B 148 -19.09 18.24 11.34
CA TYR B 148 -19.02 18.88 12.63
C TYR B 148 -20.08 19.99 12.68
N PHE B 149 -20.25 20.70 11.56
CA PHE B 149 -21.21 21.78 11.43
C PHE B 149 -22.64 21.34 11.78
N LEU B 150 -22.97 20.06 11.57
CA LEU B 150 -24.29 19.55 11.94
C LEU B 150 -24.52 19.52 13.46
N HIS B 151 -23.49 19.78 14.29
CA HIS B 151 -23.66 19.75 15.73
C HIS B 151 -23.88 21.13 16.34
N GLN B 152 -24.03 22.16 15.48
CA GLN B 152 -24.34 23.51 15.92
C GLN B 152 -25.79 23.59 16.38
N GLN B 153 -26.02 24.24 17.54
CA GLN B 153 -27.36 24.46 18.06
C GLN B 153 -27.56 25.95 18.38
N PRO B 154 -27.97 26.79 17.39
CA PRO B 154 -28.28 26.37 16.02
C PRO B 154 -27.16 26.69 15.03
N ALA B 155 -27.38 26.33 13.75
CA ALA B 155 -26.44 26.67 12.68
C ALA B 155 -26.17 28.16 12.63
N ASN B 156 -24.89 28.53 12.50
CA ASN B 156 -24.45 29.92 12.38
C ASN B 156 -23.46 29.98 11.22
N CYS B 157 -23.78 30.81 10.21
CA CYS B 157 -23.03 30.88 8.96
C CYS B 157 -21.67 31.57 9.16
N LYS B 158 -21.56 32.46 10.16
CA LYS B 158 -20.31 33.09 10.55
C LYS B 158 -19.33 32.07 11.14
N VAL B 159 -19.88 31.11 11.93
CA VAL B 159 -19.11 30.06 12.55
C VAL B 159 -18.62 29.09 11.46
N GLU B 160 -19.51 28.68 10.56
CA GLU B 160 -19.14 27.85 9.43
C GLU B 160 -18.04 28.50 8.60
N SER B 161 -18.21 29.76 8.21
CA SER B 161 -17.29 30.41 7.30
C SER B 161 -15.91 30.62 7.96
N LEU B 162 -15.93 30.92 9.26
CA LEU B 162 -14.70 31.20 9.98
C LEU B 162 -13.89 29.92 10.17
N ALA B 163 -14.57 28.78 10.38
CA ALA B 163 -13.87 27.51 10.52
C ALA B 163 -13.28 27.10 9.18
N MET B 164 -14.02 27.34 8.08
CA MET B 164 -13.56 27.08 6.73
C MET B 164 -12.27 27.87 6.49
N PHE B 165 -12.26 29.13 6.92
CA PHE B 165 -11.18 30.07 6.73
C PHE B 165 -9.95 29.68 7.53
N LEU B 166 -10.16 29.29 8.81
CA LEU B 166 -9.08 28.89 9.68
C LEU B 166 -8.43 27.62 9.14
N GLY B 167 -9.27 26.65 8.72
CA GLY B 167 -8.77 25.43 8.12
C GLY B 167 -7.94 25.72 6.87
N GLU B 168 -8.35 26.73 6.09
CA GLU B 168 -7.61 27.09 4.89
C GLU B 168 -6.23 27.69 5.27
N LEU B 169 -6.18 28.51 6.31
CA LEU B 169 -4.93 29.08 6.75
C LEU B 169 -3.89 27.99 7.06
N SER B 170 -4.34 26.85 7.58
CA SER B 170 -3.47 25.73 7.93
C SER B 170 -2.75 25.13 6.70
N LEU B 171 -3.40 25.07 5.53
CA LEU B 171 -2.84 24.59 4.26
C LEU B 171 -1.54 25.31 3.88
N ILE B 172 -1.39 26.58 4.30
CA ILE B 172 -0.27 27.44 3.94
C ILE B 172 1.03 27.03 4.64
N ASP B 173 0.93 26.58 5.89
CA ASP B 173 2.11 26.40 6.73
C ASP B 173 2.35 24.93 7.06
N ALA B 174 3.18 24.24 6.23
CA ALA B 174 3.56 22.85 6.43
C ALA B 174 4.12 22.67 7.84
N ASP B 175 4.84 23.66 8.35
CA ASP B 175 5.20 23.72 9.76
C ASP B 175 4.29 24.75 10.42
N PRO B 176 3.44 24.37 11.42
CA PRO B 176 3.42 23.01 11.96
C PRO B 176 2.38 22.03 11.44
N TYR B 177 1.45 22.47 10.58
CA TYR B 177 0.20 21.75 10.34
C TYR B 177 0.35 20.38 9.66
N LEU B 178 1.49 20.08 8.98
CA LEU B 178 1.74 18.74 8.47
C LEU B 178 1.64 17.70 9.58
N LYS B 179 1.78 18.13 10.84
CA LYS B 179 1.85 17.19 11.96
C LYS B 179 0.45 16.84 12.47
N TYR B 180 -0.59 17.53 11.97
CA TYR B 180 -1.97 17.28 12.38
C TYR B 180 -2.81 16.74 11.22
N LEU B 181 -3.71 15.79 11.54
CA LEU B 181 -4.57 15.14 10.57
C LEU B 181 -5.74 16.07 10.25
N PRO B 182 -6.37 15.92 9.07
CA PRO B 182 -7.53 16.74 8.73
C PRO B 182 -8.64 16.80 9.78
N SER B 183 -9.03 15.66 10.38
CA SER B 183 -10.06 15.60 11.43
C SER B 183 -9.72 16.44 12.67
N VAL B 184 -8.41 16.55 13.01
CA VAL B 184 -7.95 17.29 14.17
C VAL B 184 -7.90 18.80 13.90
N ILE B 185 -7.31 19.21 12.78
CA ILE B 185 -7.37 20.62 12.40
C ILE B 185 -8.82 21.09 12.26
N ALA B 186 -9.71 20.25 11.71
CA ALA B 186 -11.10 20.63 11.55
C ALA B 186 -11.71 20.88 12.93
N ALA B 187 -11.39 19.99 13.88
CA ALA B 187 -11.93 20.11 15.22
C ALA B 187 -11.41 21.41 15.85
N ALA B 188 -10.09 21.69 15.73
CA ALA B 188 -9.53 22.90 16.30
C ALA B 188 -10.18 24.11 15.66
N ALA B 189 -10.27 24.10 14.34
CA ALA B 189 -10.82 25.22 13.57
C ALA B 189 -12.26 25.48 13.97
N PHE B 190 -13.06 24.40 14.13
CA PHE B 190 -14.43 24.53 14.55
C PHE B 190 -14.52 25.11 15.95
N HIS B 191 -13.75 24.58 16.92
CA HIS B 191 -13.87 25.07 18.29
C HIS B 191 -13.47 26.55 18.33
N LEU B 192 -12.39 26.90 17.63
CA LEU B 192 -11.89 28.26 17.62
C LEU B 192 -12.88 29.20 16.93
N ALA B 193 -13.53 28.73 15.87
CA ALA B 193 -14.55 29.51 15.17
C ALA B 193 -15.77 29.69 16.06
N LEU B 194 -16.15 28.65 16.80
CA LEU B 194 -17.35 28.72 17.68
C LEU B 194 -17.12 29.74 18.81
N TYR B 195 -15.94 29.72 19.44
CA TYR B 195 -15.66 30.63 20.58
C TYR B 195 -15.62 32.06 20.11
N THR B 196 -14.89 32.31 19.02
CA THR B 196 -14.75 33.69 18.52
C THR B 196 -16.10 34.31 18.26
N VAL B 197 -17.04 33.55 17.71
CA VAL B 197 -18.36 34.14 17.31
C VAL B 197 -19.41 33.98 18.42
N THR B 198 -19.58 32.78 18.97
CA THR B 198 -20.67 32.55 19.94
C THR B 198 -20.17 32.47 21.35
N GLY B 199 -18.86 32.32 21.55
CA GLY B 199 -18.33 32.14 22.91
C GLY B 199 -18.51 30.71 23.37
N GLN B 200 -19.06 29.86 22.51
CA GLN B 200 -19.35 28.47 22.90
C GLN B 200 -18.10 27.60 22.67
N SER B 201 -18.15 26.34 23.10
CA SER B 201 -16.93 25.50 23.01
C SER B 201 -17.22 24.17 22.30
N TRP B 202 -16.16 23.42 21.99
CA TRP B 202 -16.28 22.10 21.35
C TRP B 202 -17.36 21.32 22.07
N PRO B 203 -18.43 20.91 21.39
CA PRO B 203 -19.52 20.22 22.07
C PRO B 203 -19.29 18.75 22.39
N GLU B 204 -20.03 18.26 23.38
CA GLU B 204 -19.89 16.85 23.81
C GLU B 204 -20.36 15.95 22.66
N SER B 205 -21.42 16.36 21.96
CA SER B 205 -21.91 15.60 20.80
C SER B 205 -20.74 15.25 19.88
N LEU B 206 -19.80 16.17 19.72
CA LEU B 206 -18.64 15.95 18.87
C LEU B 206 -17.54 15.19 19.61
N VAL B 207 -17.48 15.29 20.94
CA VAL B 207 -16.63 14.43 21.74
C VAL B 207 -17.08 12.96 21.57
N GLN B 208 -18.40 12.75 21.56
CA GLN B 208 -19.05 11.46 21.30
C GLN B 208 -18.78 10.94 19.89
N LYS B 209 -18.85 11.82 18.90
CA LYS B 209 -18.62 11.43 17.52
C LYS B 209 -17.13 11.19 17.26
N THR B 210 -16.26 12.05 17.81
CA THR B 210 -14.85 12.08 17.42
C THR B 210 -13.94 11.33 18.40
N GLY B 211 -14.32 11.30 19.66
CA GLY B 211 -13.41 10.85 20.70
C GLY B 211 -12.42 11.93 21.11
N TYR B 212 -12.45 13.05 20.42
CA TYR B 212 -11.55 14.18 20.68
C TYR B 212 -12.15 15.10 21.75
N THR B 213 -11.28 15.61 22.64
CA THR B 213 -11.63 16.61 23.64
C THR B 213 -10.72 17.81 23.47
N LEU B 214 -11.06 18.92 24.14
CA LEU B 214 -10.24 20.13 24.12
C LEU B 214 -8.83 19.86 24.63
N GLU B 215 -8.66 18.81 25.46
CA GLU B 215 -7.35 18.39 25.94
C GLU B 215 -6.55 17.70 24.82
N THR B 216 -7.24 16.87 24.03
CA THR B 216 -6.62 16.19 22.90
C THR B 216 -6.35 17.21 21.79
N LEU B 217 -7.14 18.31 21.75
CA LEU B 217 -7.08 19.31 20.69
C LEU B 217 -6.16 20.48 21.06
N LYS B 218 -5.74 20.60 22.34
CA LYS B 218 -4.99 21.74 22.83
C LYS B 218 -3.77 22.08 21.97
N PRO B 219 -2.90 21.11 21.64
CA PRO B 219 -1.74 21.38 20.78
C PRO B 219 -2.00 22.07 19.44
N CYS B 220 -3.03 21.65 18.72
CA CYS B 220 -3.39 22.26 17.41
C CYS B 220 -4.09 23.60 17.65
N LEU B 221 -4.93 23.65 18.68
CA LEU B 221 -5.68 24.90 18.99
C LEU B 221 -4.69 26.03 19.30
N LEU B 222 -3.65 25.73 20.07
CA LEU B 222 -2.65 26.76 20.42
C LEU B 222 -1.92 27.20 19.15
N ASP B 223 -1.64 26.26 18.25
CA ASP B 223 -0.97 26.59 17.01
C ASP B 223 -1.89 27.40 16.10
N LEU B 224 -3.19 27.06 16.07
CA LEU B 224 -4.15 27.73 15.19
C LEU B 224 -4.52 29.13 15.72
N HIS B 225 -4.57 29.27 17.04
CA HIS B 225 -4.81 30.54 17.70
C HIS B 225 -3.71 31.53 17.31
N GLN B 226 -2.47 31.05 17.34
CA GLN B 226 -1.32 31.88 16.97
C GLN B 226 -1.41 32.25 15.49
N THR B 227 -1.77 31.29 14.62
CA THR B 227 -1.88 31.54 13.20
C THR B 227 -2.95 32.60 12.91
N TYR B 228 -4.12 32.49 13.58
CA TYR B 228 -5.20 33.45 13.48
C TYR B 228 -4.72 34.85 13.91
N LEU B 229 -4.03 34.94 15.07
CA LEU B 229 -3.53 36.20 15.59
C LEU B 229 -2.51 36.84 14.65
N ARG B 230 -1.71 36.00 13.97
CA ARG B 230 -0.57 36.46 13.19
C ARG B 230 -0.90 36.66 11.70
N ALA B 231 -2.16 36.37 11.30
CA ALA B 231 -2.57 36.26 9.90
C ALA B 231 -2.48 37.60 9.17
N PRO B 232 -2.87 38.75 9.75
CA PRO B 232 -2.71 40.03 9.06
C PRO B 232 -1.27 40.33 8.65
N GLN B 233 -0.28 39.66 9.26
CA GLN B 233 1.13 39.96 9.01
C GLN B 233 1.86 38.84 8.26
N HIS B 234 1.19 37.70 8.04
CA HIS B 234 1.76 36.62 7.24
C HIS B 234 2.04 37.16 5.84
N ALA B 235 3.16 36.73 5.27
CA ALA B 235 3.57 37.07 3.91
C ALA B 235 2.51 36.63 2.88
N GLN B 236 1.77 35.55 3.14
CA GLN B 236 0.68 35.14 2.27
C GLN B 236 -0.63 35.71 2.80
N GLN B 237 -1.45 36.29 1.90
CA GLN B 237 -2.56 37.15 2.29
C GLN B 237 -3.81 36.81 1.46
N SER B 238 -3.74 35.78 0.62
CA SER B 238 -4.78 35.52 -0.37
C SER B 238 -6.05 34.93 0.26
N ILE B 239 -5.93 34.11 1.30
CA ILE B 239 -7.06 33.55 2.04
C ILE B 239 -7.83 34.65 2.80
N ARG B 240 -7.15 35.65 3.40
CA ARG B 240 -7.83 36.77 4.05
C ARG B 240 -8.59 37.64 3.04
N GLU B 241 -7.95 37.93 1.89
CA GLU B 241 -8.57 38.64 0.77
C GLU B 241 -9.83 37.89 0.33
N LYS B 242 -9.75 36.56 0.22
CA LYS B 242 -10.87 35.72 -0.17
C LYS B 242 -11.97 35.75 0.88
N TYR B 243 -11.61 35.73 2.17
CA TYR B 243 -12.62 35.60 3.20
C TYR B 243 -13.18 36.96 3.66
N LYS B 244 -12.91 38.01 2.87
CA LYS B 244 -13.56 39.31 3.01
C LYS B 244 -14.86 39.32 2.23
N ASN B 245 -14.94 38.42 1.23
CA ASN B 245 -16.10 38.32 0.36
C ASN B 245 -17.34 37.90 1.16
N SER B 246 -18.50 38.34 0.67
CA SER B 246 -19.81 38.07 1.23
C SER B 246 -20.16 36.59 1.14
N LYS B 247 -19.66 35.90 0.10
CA LYS B 247 -19.79 34.46 -0.01
C LYS B 247 -19.37 33.83 1.31
N TYR B 248 -18.35 34.40 1.97
CA TYR B 248 -17.74 33.86 3.18
C TYR B 248 -18.06 34.73 4.40
N HIS B 249 -19.05 35.66 4.27
CA HIS B 249 -19.59 36.44 5.37
C HIS B 249 -18.56 37.41 5.97
N GLY B 250 -17.52 37.77 5.19
CA GLY B 250 -16.51 38.72 5.63
C GLY B 250 -15.80 38.29 6.91
N VAL B 251 -15.66 36.97 7.15
CA VAL B 251 -15.18 36.48 8.43
C VAL B 251 -13.72 36.86 8.74
N SER B 252 -12.90 37.14 7.70
CA SER B 252 -11.51 37.56 7.82
C SER B 252 -11.40 38.91 8.52
N LEU B 253 -12.53 39.59 8.67
CA LEU B 253 -12.58 40.90 9.32
C LEU B 253 -12.90 40.77 10.81
N LEU B 254 -13.42 39.60 11.21
CA LEU B 254 -13.65 39.28 12.61
C LEU B 254 -12.33 39.35 13.37
N ASN B 255 -12.37 39.81 14.62
CA ASN B 255 -11.17 39.88 15.42
C ASN B 255 -10.95 38.54 16.10
N PRO B 256 -9.71 37.98 16.02
CA PRO B 256 -9.37 36.83 16.85
C PRO B 256 -9.50 37.15 18.35
N PRO B 257 -9.92 36.16 19.19
CA PRO B 257 -9.90 36.32 20.65
C PRO B 257 -8.46 36.39 21.20
N GLU B 258 -8.26 37.19 22.24
CA GLU B 258 -6.95 37.37 22.85
C GLU B 258 -6.48 36.12 23.60
N THR B 259 -7.41 35.37 24.22
CA THR B 259 -7.11 34.19 25.01
C THR B 259 -8.17 33.14 24.69
N LEU B 260 -7.95 31.89 25.15
CA LEU B 260 -8.83 30.77 24.83
C LEU B 260 -9.41 30.11 26.08
N ASN B 261 -9.03 30.63 27.26
CA ASN B 261 -9.45 30.10 28.55
C ASN B 261 -9.29 28.57 28.54
N VAL B 262 -8.11 28.10 28.08
CA VAL B 262 -7.80 26.68 28.05
C VAL B 262 -6.90 26.38 29.27
N SER C 4 8.09 4.26 -19.90
CA SER C 4 8.65 3.78 -18.59
C SER C 4 9.73 4.73 -18.10
N MET C 5 10.77 4.86 -18.93
CA MET C 5 11.96 5.64 -18.59
C MET C 5 11.94 6.90 -19.44
N GLU C 6 10.75 7.27 -19.93
CA GLU C 6 10.59 8.40 -20.83
C GLU C 6 10.86 9.70 -20.10
N ASN C 7 10.55 9.73 -18.79
CA ASN C 7 10.82 10.88 -17.93
C ASN C 7 12.32 11.10 -17.66
N PHE C 8 13.16 10.10 -17.90
CA PHE C 8 14.56 10.20 -17.50
C PHE C 8 15.45 10.57 -18.68
N GLN C 9 16.37 11.49 -18.47
CA GLN C 9 17.36 11.84 -19.51
C GLN C 9 18.76 11.46 -19.01
N LYS C 10 19.41 10.55 -19.74
CA LYS C 10 20.78 10.11 -19.36
C LYS C 10 21.73 11.30 -19.48
N VAL C 11 22.67 11.43 -18.52
CA VAL C 11 23.63 12.53 -18.55
C VAL C 11 25.01 11.98 -18.90
N GLU C 12 25.43 10.93 -18.17
CA GLU C 12 26.70 10.26 -18.34
C GLU C 12 26.62 8.89 -17.66
N LYS C 13 27.54 7.98 -18.03
CA LYS C 13 27.71 6.71 -17.34
C LYS C 13 28.58 7.00 -16.13
N ILE C 14 28.33 6.31 -15.00
CA ILE C 14 29.09 6.62 -13.79
C ILE C 14 29.57 5.36 -13.07
N GLY C 15 29.49 4.20 -13.73
CA GLY C 15 30.02 3.03 -13.07
C GLY C 15 29.42 1.74 -13.62
N GLU C 16 29.93 0.61 -13.12
CA GLU C 16 29.78 -0.66 -13.81
C GLU C 16 30.21 -1.78 -12.87
N GLY C 17 29.33 -2.77 -12.73
CA GLY C 17 29.60 -4.02 -12.03
C GLY C 17 29.45 -5.22 -12.98
N THR C 18 29.46 -6.41 -12.40
CA THR C 18 29.25 -7.63 -13.17
C THR C 18 27.79 -7.76 -13.58
N TYR C 19 26.89 -6.93 -13.03
CA TYR C 19 25.46 -7.06 -13.29
C TYR C 19 24.79 -5.72 -13.63
N GLY C 20 25.38 -4.59 -13.20
CA GLY C 20 24.85 -3.27 -13.49
C GLY C 20 25.70 -2.44 -14.46
N VAL C 21 25.06 -1.57 -15.24
CA VAL C 21 25.71 -0.38 -15.75
C VAL C 21 24.95 0.80 -15.15
N VAL C 22 25.60 1.58 -14.26
CA VAL C 22 24.98 2.71 -13.60
C VAL C 22 25.19 4.01 -14.39
N TYR C 23 24.08 4.73 -14.63
CA TYR C 23 24.11 6.05 -15.25
C TYR C 23 23.57 7.12 -14.29
N LYS C 24 24.16 8.30 -14.37
CA LYS C 24 23.58 9.51 -13.83
C LYS C 24 22.51 9.99 -14.79
N ALA C 25 21.39 10.50 -14.26
CA ALA C 25 20.24 10.85 -15.10
C ALA C 25 19.41 11.92 -14.41
N ARG C 26 18.50 12.53 -15.20
CA ARG C 26 17.67 13.65 -14.79
C ARG C 26 16.20 13.31 -15.06
N ASN C 27 15.37 13.43 -14.02
CA ASN C 27 13.93 13.40 -14.16
C ASN C 27 13.51 14.69 -14.87
N LYS C 28 12.98 14.56 -16.08
CA LYS C 28 12.65 15.70 -16.91
C LYS C 28 11.55 16.54 -16.28
N LEU C 29 10.64 15.94 -15.50
CA LEU C 29 9.52 16.68 -14.95
C LEU C 29 9.87 17.35 -13.61
N THR C 30 10.54 16.60 -12.71
CA THR C 30 10.85 17.06 -11.37
C THR C 30 12.19 17.80 -11.31
N GLY C 31 13.14 17.47 -12.18
CA GLY C 31 14.45 18.07 -12.07
C GLY C 31 15.42 17.25 -11.22
N GLU C 32 14.86 16.29 -10.46
CA GLU C 32 15.64 15.44 -9.58
C GLU C 32 16.75 14.75 -10.39
N VAL C 33 17.94 14.63 -9.79
CA VAL C 33 19.08 13.96 -10.41
C VAL C 33 19.21 12.60 -9.73
N VAL C 34 19.35 11.53 -10.52
CA VAL C 34 19.32 10.20 -9.93
C VAL C 34 20.48 9.39 -10.51
N ALA C 35 20.71 8.21 -9.94
CA ALA C 35 21.58 7.23 -10.57
C ALA C 35 20.68 6.04 -10.88
N LEU C 36 20.75 5.51 -12.12
CA LEU C 36 19.92 4.39 -12.55
C LEU C 36 20.80 3.16 -12.74
N LYS C 37 20.63 2.12 -11.93
CA LYS C 37 21.34 0.86 -12.12
C LYS C 37 20.49 -0.01 -13.03
N LYS C 38 20.97 -0.24 -14.27
CA LYS C 38 20.38 -1.12 -15.27
C LYS C 38 20.88 -2.53 -15.04
N ILE C 39 19.93 -3.44 -14.80
CA ILE C 39 20.27 -4.88 -14.56
C ILE C 39 19.59 -5.69 -15.66
N ARG C 40 20.39 -6.34 -16.50
CA ARG C 40 19.79 -7.09 -17.64
C ARG C 40 19.16 -8.37 -17.13
N LEU C 41 17.97 -8.69 -17.64
CA LEU C 41 17.27 -9.92 -17.21
C LEU C 41 17.51 -11.02 -18.25
N ASP C 42 17.87 -12.20 -17.79
CA ASP C 42 18.12 -13.37 -18.63
C ASP C 42 16.81 -14.11 -18.87
N THR C 43 16.01 -13.62 -19.83
CA THR C 43 14.60 -13.96 -19.90
C THR C 43 14.35 -15.36 -20.48
N GLU C 44 15.44 -16.03 -20.89
CA GLU C 44 15.30 -17.36 -21.52
C GLU C 44 16.26 -18.34 -20.83
N THR C 45 16.96 -17.88 -19.78
CA THR C 45 17.97 -18.75 -19.12
C THR C 45 17.83 -18.71 -17.62
N GLU C 46 18.42 -17.71 -16.96
CA GLU C 46 18.47 -17.70 -15.47
C GLU C 46 17.46 -16.76 -14.81
N GLY C 47 16.87 -15.83 -15.57
CA GLY C 47 15.88 -14.94 -15.02
C GLY C 47 16.52 -13.77 -14.27
N VAL C 48 15.93 -13.39 -13.14
CA VAL C 48 16.41 -12.25 -12.39
C VAL C 48 17.58 -12.67 -11.52
N PRO C 49 18.75 -12.02 -11.60
CA PRO C 49 19.91 -12.44 -10.79
C PRO C 49 19.67 -12.32 -9.30
N SER C 50 20.22 -13.29 -8.54
CA SER C 50 20.13 -13.32 -7.09
C SER C 50 20.72 -12.05 -6.46
N THR C 51 21.78 -11.47 -7.06
CA THR C 51 22.36 -10.24 -6.50
C THR C 51 21.32 -9.11 -6.47
N ALA C 52 20.49 -9.03 -7.51
CA ALA C 52 19.51 -7.99 -7.67
C ALA C 52 18.34 -8.18 -6.69
N ILE C 53 17.88 -9.45 -6.60
CA ILE C 53 16.81 -9.83 -5.70
C ILE C 53 17.17 -9.41 -4.27
N ARG C 54 18.42 -9.67 -3.91
CA ARG C 54 18.91 -9.36 -2.59
C ARG C 54 19.06 -7.85 -2.42
N GLU C 55 19.71 -7.18 -3.38
CA GLU C 55 19.94 -5.75 -3.25
C GLU C 55 18.64 -5.00 -3.04
N ILE C 56 17.65 -5.30 -3.90
CA ILE C 56 16.37 -4.61 -3.90
C ILE C 56 15.62 -4.90 -2.61
N SER C 57 15.38 -6.18 -2.28
CA SER C 57 14.61 -6.57 -1.11
C SER C 57 15.18 -5.94 0.17
N LEU C 58 16.52 -5.96 0.29
CA LEU C 58 17.20 -5.54 1.51
C LEU C 58 17.19 -4.02 1.63
N LEU C 59 17.37 -3.33 0.49
CA LEU C 59 17.36 -1.88 0.40
C LEU C 59 15.96 -1.29 0.49
N LYS C 60 14.93 -2.08 0.18
CA LYS C 60 13.55 -1.61 0.35
C LYS C 60 13.26 -1.50 1.86
N GLU C 61 13.88 -2.39 2.63
CA GLU C 61 13.70 -2.44 4.06
C GLU C 61 14.60 -1.43 4.78
N LEU C 62 15.64 -0.90 4.13
CA LEU C 62 16.65 -0.18 4.90
C LEU C 62 16.59 1.32 4.62
N ASN C 63 15.95 2.06 5.54
CA ASN C 63 15.74 3.49 5.43
C ASN C 63 16.51 4.16 6.56
N HIS C 64 17.66 4.74 6.18
CA HIS C 64 18.59 5.36 7.10
C HIS C 64 19.39 6.41 6.33
N PRO C 65 19.71 7.56 6.95
CA PRO C 65 20.44 8.60 6.25
C PRO C 65 21.84 8.24 5.79
N ASN C 66 22.39 7.09 6.26
CA ASN C 66 23.74 6.67 5.90
C ASN C 66 23.74 5.38 5.07
N ILE C 67 22.57 5.00 4.55
CA ILE C 67 22.42 3.96 3.55
C ILE C 67 21.79 4.62 2.32
N VAL C 68 22.30 4.27 1.13
CA VAL C 68 21.85 4.87 -0.12
C VAL C 68 20.37 4.54 -0.33
N LYS C 69 19.60 5.55 -0.77
CA LYS C 69 18.16 5.39 -0.90
C LYS C 69 17.81 4.82 -2.27
N LEU C 70 17.11 3.70 -2.25
CA LEU C 70 16.46 3.14 -3.43
C LEU C 70 15.08 3.79 -3.53
N LEU C 71 14.89 4.61 -4.57
CA LEU C 71 13.66 5.39 -4.75
C LEU C 71 12.60 4.56 -5.48
N ASP C 72 12.96 3.90 -6.58
CA ASP C 72 12.01 3.17 -7.38
C ASP C 72 12.69 1.96 -8.02
N VAL C 73 11.86 1.00 -8.46
CA VAL C 73 12.29 -0.10 -9.31
C VAL C 73 11.37 -0.08 -10.52
N ILE C 74 11.95 0.02 -11.72
CA ILE C 74 11.16 0.01 -12.94
C ILE C 74 11.43 -1.29 -13.69
N HIS C 75 10.38 -2.10 -13.81
CA HIS C 75 10.42 -3.41 -14.46
C HIS C 75 10.04 -3.24 -15.93
N THR C 76 10.80 -3.86 -16.83
CA THR C 76 10.37 -4.10 -18.19
C THR C 76 10.26 -5.62 -18.29
N GLU C 77 10.06 -6.11 -19.53
CA GLU C 77 10.07 -7.53 -19.80
C GLU C 77 11.51 -8.05 -19.88
N ASN C 78 12.46 -7.15 -20.18
CA ASN C 78 13.82 -7.52 -20.57
C ASN C 78 14.89 -6.86 -19.71
N LYS C 79 14.58 -5.75 -19.04
CA LYS C 79 15.57 -5.09 -18.18
C LYS C 79 14.92 -4.72 -16.84
N LEU C 80 15.76 -4.39 -15.88
CA LEU C 80 15.33 -3.86 -14.60
C LEU C 80 16.10 -2.57 -14.37
N TYR C 81 15.41 -1.50 -13.93
CA TYR C 81 16.07 -0.24 -13.64
C TYR C 81 15.87 0.12 -12.17
N LEU C 82 16.96 0.13 -11.39
CA LEU C 82 16.87 0.59 -10.01
C LEU C 82 17.15 2.07 -10.07
N VAL C 83 16.22 2.88 -9.53
CA VAL C 83 16.35 4.32 -9.40
C VAL C 83 16.89 4.60 -8.00
N PHE C 84 18.09 5.19 -7.94
CA PHE C 84 18.79 5.51 -6.71
C PHE C 84 19.00 7.02 -6.62
N GLU C 85 19.12 7.53 -5.40
CA GLU C 85 19.46 8.93 -5.19
C GLU C 85 20.88 9.13 -5.68
N PHE C 86 21.15 10.30 -6.27
CA PHE C 86 22.49 10.59 -6.77
C PHE C 86 23.34 11.19 -5.66
N LEU C 87 24.56 10.67 -5.50
CA LEU C 87 25.55 11.33 -4.66
C LEU C 87 26.77 11.63 -5.52
N HIS C 88 27.44 12.76 -5.24
CA HIS C 88 28.43 13.41 -6.10
C HIS C 88 29.60 12.50 -6.49
N GLN C 89 30.16 11.73 -5.53
CA GLN C 89 31.12 10.68 -5.83
C GLN C 89 31.33 9.70 -4.68
N ASP C 90 32.21 8.71 -4.89
CA ASP C 90 32.57 7.68 -3.93
C ASP C 90 33.88 8.04 -3.21
N LEU C 91 34.09 7.37 -2.08
CA LEU C 91 35.15 7.72 -1.15
C LEU C 91 36.51 7.41 -1.75
N LYS C 92 36.61 6.39 -2.60
CA LYS C 92 37.85 6.09 -3.29
C LYS C 92 38.28 7.27 -4.16
N LYS C 93 37.34 7.84 -4.93
CA LYS C 93 37.71 8.95 -5.80
C LYS C 93 38.17 10.12 -4.96
N PHE C 94 37.53 10.28 -3.79
CA PHE C 94 37.82 11.36 -2.85
C PHE C 94 39.23 11.18 -2.27
N MET C 95 39.51 9.98 -1.74
CA MET C 95 40.84 9.64 -1.25
C MET C 95 41.92 9.99 -2.28
N ASP C 96 41.77 9.49 -3.51
CA ASP C 96 42.69 9.76 -4.60
C ASP C 96 42.87 11.25 -4.83
N ALA C 97 41.76 12.01 -4.86
CA ALA C 97 41.83 13.45 -5.09
C ALA C 97 42.56 14.13 -3.94
N SER C 98 42.55 13.46 -2.77
CA SER C 98 43.08 13.99 -1.52
C SER C 98 44.45 13.42 -1.17
N ALA C 99 45.08 12.74 -2.12
CA ALA C 99 46.34 12.06 -1.87
C ALA C 99 47.46 13.04 -1.48
N LEU C 100 47.44 14.23 -2.07
CA LEU C 100 48.46 15.22 -1.80
C LEU C 100 48.07 16.11 -0.60
N THR C 101 46.80 16.55 -0.54
CA THR C 101 46.31 17.50 0.46
C THR C 101 46.07 16.82 1.81
N GLY C 102 45.64 15.55 1.78
CA GLY C 102 45.16 14.87 2.97
C GLY C 102 43.67 15.16 3.17
N ILE C 103 43.08 14.45 4.13
CA ILE C 103 41.68 14.61 4.52
C ILE C 103 41.67 15.18 5.94
N PRO C 104 41.05 16.35 6.19
CA PRO C 104 41.02 16.89 7.55
C PRO C 104 40.50 15.84 8.53
N LEU C 105 41.11 15.82 9.72
CA LEU C 105 40.81 14.87 10.79
C LEU C 105 39.33 14.93 11.21
N PRO C 106 38.72 16.13 11.30
CA PRO C 106 37.29 16.25 11.54
C PRO C 106 36.41 15.54 10.52
N LEU C 107 36.81 15.59 9.25
CA LEU C 107 36.05 14.93 8.18
C LEU C 107 36.13 13.40 8.33
N ILE C 108 37.34 12.90 8.61
CA ILE C 108 37.61 11.48 8.76
C ILE C 108 36.69 10.92 9.85
N LYS C 109 36.60 11.69 10.95
CA LYS C 109 35.92 11.20 12.14
C LYS C 109 34.42 11.17 11.88
N SER C 110 33.93 12.25 11.24
CA SER C 110 32.54 12.36 10.82
C SER C 110 32.19 11.18 9.92
N TYR C 111 33.06 10.94 8.94
CA TYR C 111 32.77 9.91 7.94
C TYR C 111 32.75 8.54 8.63
N LEU C 112 33.67 8.32 9.57
CA LEU C 112 33.73 7.04 10.27
C LEU C 112 32.48 6.88 11.13
N PHE C 113 32.03 8.00 11.73
CA PHE C 113 30.88 8.01 12.60
C PHE C 113 29.63 7.65 11.82
N GLN C 114 29.47 8.26 10.65
CA GLN C 114 28.32 8.00 9.80
C GLN C 114 28.33 6.57 9.28
N LEU C 115 29.53 6.08 8.91
CA LEU C 115 29.70 4.74 8.38
C LEU C 115 29.28 3.72 9.44
N LEU C 116 29.57 4.03 10.70
CA LEU C 116 29.22 3.13 11.80
C LEU C 116 27.71 3.14 12.05
N GLN C 117 27.08 4.31 11.92
CA GLN C 117 25.66 4.46 12.16
C GLN C 117 24.90 3.62 11.14
N GLY C 118 25.22 3.87 9.86
CA GLY C 118 24.75 3.09 8.72
C GLY C 118 24.92 1.60 8.95
N LEU C 119 26.13 1.18 9.35
CA LEU C 119 26.44 -0.23 9.48
C LEU C 119 25.76 -0.85 10.72
N ALA C 120 25.60 -0.09 11.80
CA ALA C 120 24.88 -0.58 12.98
C ALA C 120 23.40 -0.85 12.64
N PHE C 121 22.79 0.07 11.88
CA PHE C 121 21.45 -0.10 11.35
C PHE C 121 21.35 -1.33 10.46
N CYS C 122 22.40 -1.58 9.66
CA CYS C 122 22.44 -2.84 8.90
C CYS C 122 22.35 -4.05 9.83
N HIS C 123 23.31 -4.16 10.76
CA HIS C 123 23.41 -5.29 11.64
C HIS C 123 22.15 -5.44 12.51
N SER C 124 21.56 -4.30 12.97
CA SER C 124 20.34 -4.24 13.76
C SER C 124 19.16 -4.85 13.00
N HIS C 125 19.30 -4.93 11.69
CA HIS C 125 18.24 -5.38 10.80
C HIS C 125 18.69 -6.65 10.08
N ARG C 126 19.68 -7.33 10.65
CA ARG C 126 20.10 -8.69 10.33
C ARG C 126 20.62 -8.76 8.89
N VAL C 127 21.32 -7.71 8.45
CA VAL C 127 21.94 -7.62 7.13
C VAL C 127 23.45 -7.46 7.26
N LEU C 128 24.20 -8.45 6.74
CA LEU C 128 25.61 -8.25 6.43
C LEU C 128 25.75 -7.48 5.12
N HIS C 129 26.62 -6.45 5.09
CA HIS C 129 26.97 -5.80 3.83
C HIS C 129 27.90 -6.68 3.00
N ARG C 130 29.11 -6.94 3.53
CA ARG C 130 30.08 -7.89 2.98
C ARG C 130 30.81 -7.41 1.73
N ASP C 131 30.67 -6.12 1.36
CA ASP C 131 31.51 -5.56 0.32
C ASP C 131 31.85 -4.11 0.68
N LEU C 132 32.28 -3.91 1.92
CA LEU C 132 32.61 -2.55 2.30
C LEU C 132 34.01 -2.25 1.77
N LYS C 133 34.09 -1.28 0.86
CA LYS C 133 35.34 -0.72 0.38
C LYS C 133 35.07 0.71 -0.08
N PRO C 134 36.12 1.55 -0.23
CA PRO C 134 35.90 2.98 -0.50
C PRO C 134 35.05 3.23 -1.74
N GLN C 135 35.18 2.34 -2.75
CA GLN C 135 34.47 2.48 -4.02
C GLN C 135 32.95 2.37 -3.83
N ASN C 136 32.50 1.71 -2.74
CA ASN C 136 31.12 1.40 -2.45
C ASN C 136 30.52 2.36 -1.40
N LEU C 137 31.23 3.46 -1.10
CA LEU C 137 30.76 4.45 -0.13
C LEU C 137 30.67 5.79 -0.86
N LEU C 138 29.49 6.43 -0.75
CA LEU C 138 29.12 7.58 -1.54
C LEU C 138 29.04 8.80 -0.64
N ILE C 139 29.56 9.93 -1.13
CA ILE C 139 29.61 11.18 -0.38
C ILE C 139 28.89 12.25 -1.19
N ASN C 140 28.21 13.17 -0.50
CA ASN C 140 27.65 14.36 -1.12
C ASN C 140 28.47 15.58 -0.70
N THR C 141 28.06 16.74 -1.23
CA THR C 141 28.78 18.00 -1.09
C THR C 141 28.59 18.63 0.29
N GLU C 142 27.74 18.01 1.12
CA GLU C 142 27.30 18.60 2.39
C GLU C 142 27.77 17.80 3.59
N GLY C 143 28.60 16.77 3.38
CA GLY C 143 29.32 16.10 4.46
C GLY C 143 28.71 14.75 4.86
N ALA C 144 27.72 14.27 4.10
CA ALA C 144 27.18 12.93 4.29
C ALA C 144 28.06 11.89 3.61
N ILE C 145 28.03 10.66 4.15
CA ILE C 145 28.56 9.47 3.49
C ILE C 145 27.57 8.34 3.69
N LYS C 146 27.40 7.51 2.66
CA LYS C 146 26.40 6.45 2.72
C LYS C 146 26.97 5.15 2.17
N LEU C 147 26.58 4.04 2.81
CA LEU C 147 26.78 2.69 2.32
C LEU C 147 26.03 2.54 1.00
N ALA C 148 26.68 1.89 0.03
CA ALA C 148 26.09 1.66 -1.27
C ALA C 148 26.52 0.28 -1.77
N ASP C 149 25.98 -0.10 -2.92
CA ASP C 149 26.18 -1.40 -3.55
C ASP C 149 25.91 -2.58 -2.59
N PHE C 150 24.62 -2.90 -2.39
CA PHE C 150 24.23 -4.04 -1.56
C PHE C 150 24.14 -5.33 -2.37
N GLY C 151 24.83 -5.38 -3.52
CA GLY C 151 24.79 -6.59 -4.38
C GLY C 151 25.26 -7.85 -3.69
N LEU C 152 26.24 -7.75 -2.79
CA LEU C 152 26.82 -8.95 -2.13
C LEU C 152 26.27 -9.08 -0.71
N ALA C 153 25.19 -8.36 -0.41
CA ALA C 153 24.65 -8.36 0.96
C ALA C 153 23.82 -9.63 1.23
N ARG C 154 23.58 -9.90 2.50
CA ARG C 154 22.84 -11.12 2.87
C ARG C 154 22.03 -10.89 4.14
N ALA C 155 20.80 -11.41 4.19
CA ALA C 155 20.00 -11.35 5.42
C ALA C 155 20.37 -12.58 6.24
N PHE C 156 20.97 -12.39 7.41
CA PHE C 156 21.41 -13.51 8.22
C PHE C 156 20.35 -13.90 9.24
N GLY C 157 20.53 -15.10 9.81
CA GLY C 157 19.76 -15.56 10.95
C GLY C 157 20.63 -15.57 12.23
N VAL C 158 19.97 -15.81 13.37
CA VAL C 158 20.66 -15.84 14.65
C VAL C 158 20.47 -17.24 15.25
N PRO C 159 21.53 -18.04 15.46
CA PRO C 159 22.91 -17.66 15.12
C PRO C 159 23.18 -17.88 13.64
N VAL C 160 24.24 -17.23 13.15
CA VAL C 160 24.61 -17.31 11.74
C VAL C 160 24.85 -18.77 11.39
N ARG C 161 24.70 -19.11 10.10
CA ARG C 161 25.17 -20.38 9.55
C ARG C 161 26.20 -20.12 8.44
N THR C 162 26.70 -21.20 7.81
CA THR C 162 27.73 -21.05 6.77
C THR C 162 27.11 -20.29 5.60
N TYR C 163 27.77 -19.19 5.22
CA TYR C 163 27.38 -18.37 4.08
C TYR C 163 28.48 -18.50 3.05
N TPO C 164 28.40 -17.68 1.98
CA TPO C 164 29.29 -17.78 0.84
CB TPO C 164 28.80 -16.83 -0.25
CG2 TPO C 164 29.59 -16.95 -1.53
OG1 TPO C 164 27.41 -17.25 -0.54
P TPO C 164 26.16 -16.24 -0.35
O1P TPO C 164 26.07 -15.98 1.14
O2P TPO C 164 24.98 -17.03 -0.95
O3P TPO C 164 26.47 -14.98 -1.10
C TPO C 164 30.69 -17.32 1.26
O TPO C 164 30.81 -16.31 2.00
N HIS C 165 31.72 -18.02 0.79
CA HIS C 165 33.10 -17.68 1.18
C HIS C 165 33.62 -16.51 0.35
N GLU C 166 33.45 -16.60 -0.96
CA GLU C 166 33.95 -15.53 -1.83
C GLU C 166 33.16 -14.26 -1.54
N VAL C 167 33.51 -13.56 -0.45
CA VAL C 167 32.83 -12.29 -0.11
C VAL C 167 33.90 -11.25 0.26
N VAL C 168 33.67 -9.98 -0.06
CA VAL C 168 34.59 -8.85 0.28
C VAL C 168 35.84 -8.84 -0.60
N THR C 169 36.07 -7.73 -1.33
CA THR C 169 37.35 -7.56 -2.03
C THR C 169 38.49 -7.96 -1.08
N LEU C 170 39.58 -8.51 -1.63
CA LEU C 170 40.65 -9.11 -0.87
C LEU C 170 41.18 -8.19 0.24
N TRP C 171 41.58 -6.96 -0.13
CA TRP C 171 42.22 -6.00 0.76
C TRP C 171 41.41 -5.70 2.03
N TYR C 172 40.09 -5.95 1.97
CA TYR C 172 39.15 -5.54 3.01
C TYR C 172 38.61 -6.79 3.72
N ARG C 173 39.17 -7.96 3.37
CA ARG C 173 38.64 -9.24 3.83
C ARG C 173 39.23 -9.61 5.20
N ALA C 174 38.33 -9.95 6.13
CA ALA C 174 38.69 -10.24 7.52
C ALA C 174 39.42 -11.59 7.63
N PRO C 175 40.34 -11.72 8.62
CA PRO C 175 41.13 -12.95 8.76
C PRO C 175 40.31 -14.25 8.76
N GLU C 176 39.15 -14.24 9.43
CA GLU C 176 38.29 -15.41 9.57
C GLU C 176 37.76 -15.91 8.22
N ILE C 177 37.59 -15.00 7.24
CA ILE C 177 37.23 -15.39 5.88
C ILE C 177 38.44 -15.94 5.14
N LEU C 178 39.60 -15.30 5.28
CA LEU C 178 40.80 -15.74 4.59
C LEU C 178 41.15 -17.18 4.97
N LEU C 179 41.01 -17.52 6.26
CA LEU C 179 41.32 -18.85 6.79
C LEU C 179 40.14 -19.82 6.60
N GLY C 180 39.09 -19.39 5.90
CA GLY C 180 37.97 -20.26 5.54
C GLY C 180 37.24 -20.82 6.76
N CYS C 181 37.10 -20.02 7.83
CA CYS C 181 36.35 -20.40 9.03
C CYS C 181 34.88 -20.71 8.71
N LYS C 182 34.35 -21.71 9.41
CA LYS C 182 33.04 -22.24 9.07
C LYS C 182 31.99 -21.12 9.07
N TYR C 183 32.05 -20.28 10.10
CA TYR C 183 31.10 -19.21 10.28
C TYR C 183 31.85 -17.89 10.30
N TYR C 184 31.15 -16.84 9.86
CA TYR C 184 31.55 -15.45 9.98
C TYR C 184 30.26 -14.65 10.15
N SER C 185 30.42 -13.42 10.64
CA SER C 185 29.32 -12.67 11.19
C SER C 185 29.59 -11.18 10.99
N THR C 186 28.87 -10.32 11.74
CA THR C 186 28.91 -8.88 11.60
C THR C 186 30.34 -8.36 11.73
N ALA C 187 31.22 -9.16 12.32
CA ALA C 187 32.62 -8.79 12.56
C ALA C 187 33.31 -8.44 11.24
N VAL C 188 32.96 -9.17 10.16
CA VAL C 188 33.64 -9.02 8.89
C VAL C 188 33.48 -7.59 8.39
N ASP C 189 32.31 -6.98 8.61
CA ASP C 189 32.05 -5.60 8.20
C ASP C 189 32.84 -4.60 9.01
N ILE C 190 33.10 -4.93 10.29
CA ILE C 190 33.86 -4.02 11.14
C ILE C 190 35.31 -3.99 10.66
N TRP C 191 35.86 -5.18 10.35
CA TRP C 191 37.19 -5.29 9.81
C TRP C 191 37.35 -4.37 8.58
N SER C 192 36.43 -4.48 7.63
CA SER C 192 36.41 -3.61 6.47
C SER C 192 36.47 -2.15 6.88
N LEU C 193 35.52 -1.70 7.72
CA LEU C 193 35.50 -0.32 8.16
C LEU C 193 36.83 0.04 8.80
N GLY C 194 37.42 -0.89 9.58
CA GLY C 194 38.72 -0.69 10.21
C GLY C 194 39.76 -0.36 9.15
N CYS C 195 39.86 -1.24 8.15
CA CYS C 195 40.73 -1.04 7.01
C CYS C 195 40.49 0.33 6.37
N ILE C 196 39.21 0.73 6.27
CA ILE C 196 38.80 1.97 5.60
C ILE C 196 39.16 3.19 6.45
N PHE C 197 39.05 3.09 7.79
CA PHE C 197 39.50 4.14 8.70
C PHE C 197 40.95 4.51 8.38
N ALA C 198 41.85 3.52 8.53
CA ALA C 198 43.28 3.69 8.31
C ALA C 198 43.51 4.32 6.93
N GLU C 199 42.71 3.92 5.93
CA GLU C 199 42.88 4.36 4.56
C GLU C 199 42.50 5.84 4.39
N MET C 200 41.56 6.33 5.21
CA MET C 200 41.20 7.75 5.20
C MET C 200 42.36 8.57 5.76
N VAL C 201 43.08 8.00 6.74
CA VAL C 201 44.19 8.68 7.39
C VAL C 201 45.42 8.80 6.48
N THR C 202 45.79 7.70 5.81
CA THR C 202 47.03 7.63 5.03
C THR C 202 46.79 7.80 3.51
N ARG C 203 45.53 7.60 3.07
CA ARG C 203 45.15 7.63 1.66
C ARG C 203 45.82 6.53 0.84
N ARG C 204 46.43 5.55 1.53
CA ARG C 204 46.85 4.31 0.93
C ARG C 204 46.13 3.20 1.70
N ALA C 205 45.67 2.18 0.96
CA ALA C 205 45.12 0.97 1.52
C ALA C 205 46.02 0.45 2.64
N LEU C 206 45.41 -0.17 3.66
CA LEU C 206 46.15 -0.72 4.80
C LEU C 206 46.78 -2.08 4.47
N PHE C 207 46.05 -3.00 3.84
CA PHE C 207 46.56 -4.34 3.55
C PHE C 207 46.38 -4.65 2.07
N PRO C 208 47.22 -4.08 1.18
CA PRO C 208 47.06 -4.26 -0.26
C PRO C 208 47.73 -5.55 -0.76
N GLY C 209 47.19 -6.70 -0.36
CA GLY C 209 47.83 -7.96 -0.71
C GLY C 209 47.55 -8.31 -2.18
N ASP C 210 48.50 -9.00 -2.83
CA ASP C 210 48.32 -9.42 -4.21
C ASP C 210 48.03 -10.91 -4.29
N SER C 211 47.76 -11.54 -3.13
CA SER C 211 47.24 -12.89 -3.04
C SER C 211 46.71 -13.16 -1.63
N GLU C 212 46.05 -14.30 -1.43
CA GLU C 212 45.48 -14.67 -0.15
C GLU C 212 46.57 -14.88 0.91
N ILE C 213 47.66 -15.54 0.50
CA ILE C 213 48.77 -15.80 1.39
C ILE C 213 49.44 -14.47 1.74
N ASP C 214 49.56 -13.57 0.74
CA ASP C 214 50.18 -12.26 0.90
C ASP C 214 49.38 -11.40 1.87
N GLN C 215 48.04 -11.45 1.71
CA GLN C 215 47.12 -10.75 2.57
C GLN C 215 47.31 -11.19 4.02
N LEU C 216 47.37 -12.52 4.24
CA LEU C 216 47.52 -13.13 5.56
C LEU C 216 48.79 -12.63 6.25
N PHE C 217 49.89 -12.72 5.50
CA PHE C 217 51.18 -12.24 5.96
C PHE C 217 51.05 -10.76 6.32
N ARG C 218 50.42 -9.95 5.44
CA ARG C 218 50.34 -8.52 5.67
C ARG C 218 49.61 -8.20 6.97
N ILE C 219 48.56 -8.96 7.27
CA ILE C 219 47.75 -8.70 8.50
C ILE C 219 48.55 -9.19 9.70
N PHE C 220 49.07 -10.41 9.63
CA PHE C 220 49.82 -10.99 10.76
C PHE C 220 50.97 -10.08 11.12
N ARG C 221 51.73 -9.62 10.13
CA ARG C 221 52.93 -8.81 10.45
C ARG C 221 52.52 -7.56 11.24
N THR C 222 51.41 -6.92 10.88
CA THR C 222 51.04 -5.67 11.55
C THR C 222 50.51 -5.95 12.93
N LEU C 223 49.76 -7.04 13.10
CA LEU C 223 49.13 -7.28 14.40
C LEU C 223 49.75 -8.49 15.11
N GLY C 224 50.88 -9.01 14.60
CA GLY C 224 51.66 -10.01 15.31
C GLY C 224 51.04 -11.39 15.24
N VAL C 256 49.58 3.83 11.07
CA VAL C 256 48.89 5.15 10.95
C VAL C 256 49.55 6.15 11.91
N PRO C 257 50.52 6.97 11.43
CA PRO C 257 51.14 8.04 12.22
C PRO C 257 50.29 9.24 12.63
N PRO C 258 49.51 9.90 11.73
CA PRO C 258 48.84 11.16 12.07
C PRO C 258 47.78 11.07 13.16
N LEU C 259 47.40 9.84 13.52
CA LEU C 259 46.23 9.57 14.36
C LEU C 259 46.53 9.80 15.84
N ASP C 260 45.48 10.05 16.64
CA ASP C 260 45.61 10.26 18.09
C ASP C 260 45.53 8.89 18.80
N GLU C 261 45.49 8.91 20.15
CA GLU C 261 45.43 7.71 20.96
C GLU C 261 44.02 7.11 20.99
N ASP C 262 43.00 7.99 20.99
CA ASP C 262 41.63 7.56 20.94
C ASP C 262 41.38 6.86 19.61
N GLY C 263 41.88 7.47 18.51
CA GLY C 263 41.76 6.91 17.18
C GLY C 263 42.46 5.55 17.07
N ARG C 264 43.70 5.46 17.58
CA ARG C 264 44.48 4.25 17.50
C ARG C 264 43.80 3.15 18.30
N SER C 265 43.13 3.52 19.39
CA SER C 265 42.40 2.57 20.22
C SER C 265 41.24 1.94 19.43
N LEU C 266 40.33 2.77 18.90
CA LEU C 266 39.19 2.32 18.14
C LEU C 266 39.65 1.36 17.03
N LEU C 267 40.61 1.83 16.22
CA LEU C 267 41.20 1.11 15.10
C LEU C 267 41.60 -0.31 15.50
N SER C 268 42.42 -0.39 16.56
CA SER C 268 42.94 -1.67 17.02
C SER C 268 41.81 -2.61 17.44
N GLN C 269 40.70 -2.03 17.91
CA GLN C 269 39.54 -2.79 18.36
C GLN C 269 38.68 -3.23 17.17
N MET C 270 38.77 -2.47 16.07
CA MET C 270 38.07 -2.82 14.84
C MET C 270 38.91 -3.79 14.03
N LEU C 271 40.23 -3.73 14.25
CA LEU C 271 41.13 -4.59 13.52
C LEU C 271 41.59 -5.74 14.41
N HIS C 272 40.75 -6.11 15.37
CA HIS C 272 41.05 -7.22 16.26
C HIS C 272 40.96 -8.51 15.46
N TYR C 273 41.96 -9.38 15.69
CA TYR C 273 42.09 -10.64 14.98
C TYR C 273 40.93 -11.57 15.37
N ASP C 274 40.61 -11.61 16.66
CA ASP C 274 39.50 -12.40 17.13
C ASP C 274 38.19 -11.72 16.73
N PRO C 275 37.30 -12.42 16.00
CA PRO C 275 36.01 -11.91 15.59
C PRO C 275 35.08 -11.68 16.78
N ASN C 276 35.09 -12.61 17.77
CA ASN C 276 34.32 -12.49 19.01
C ASN C 276 34.81 -11.30 19.85
N LYS C 277 36.10 -10.92 19.73
CA LYS C 277 36.65 -9.81 20.51
C LYS C 277 36.58 -8.48 19.77
N ARG C 278 36.54 -8.51 18.43
CA ARG C 278 36.41 -7.29 17.62
C ARG C 278 35.21 -6.47 18.11
N ILE C 279 35.34 -5.15 18.08
CA ILE C 279 34.31 -4.24 18.55
C ILE C 279 33.10 -4.27 17.59
N SER C 280 31.90 -4.08 18.15
CA SER C 280 30.67 -4.01 17.37
C SER C 280 30.50 -2.57 16.91
N ALA C 281 29.67 -2.38 15.87
CA ALA C 281 29.38 -1.06 15.32
C ALA C 281 28.74 -0.15 16.37
N LYS C 282 27.90 -0.76 17.22
CA LYS C 282 27.12 -0.04 18.23
C LYS C 282 28.03 0.42 19.37
N ALA C 283 28.93 -0.46 19.79
CA ALA C 283 29.96 -0.13 20.77
C ALA C 283 30.82 1.07 20.31
N ALA C 284 31.24 1.05 19.05
CA ALA C 284 32.16 2.04 18.49
C ALA C 284 31.53 3.41 18.44
N LEU C 285 30.20 3.46 18.22
CA LEU C 285 29.42 4.68 18.23
C LEU C 285 29.52 5.38 19.59
N ALA C 286 29.86 4.61 20.63
CA ALA C 286 30.06 5.15 21.96
C ALA C 286 31.54 5.38 22.29
N HIS C 287 32.50 4.91 21.45
CA HIS C 287 33.93 5.09 21.71
C HIS C 287 34.28 6.58 21.93
N PRO C 288 35.26 6.88 22.82
CA PRO C 288 35.72 8.26 23.08
C PRO C 288 36.18 9.12 21.91
N PHE C 289 36.74 8.49 20.86
CA PHE C 289 37.17 9.17 19.66
C PHE C 289 36.07 10.07 19.08
N PHE C 290 34.79 9.73 19.34
CA PHE C 290 33.66 10.40 18.71
C PHE C 290 33.03 11.46 19.61
N GLN C 291 33.53 11.62 20.84
CA GLN C 291 32.93 12.52 21.83
C GLN C 291 32.79 13.94 21.28
N ASP C 292 33.61 14.29 20.29
CA ASP C 292 33.63 15.66 19.80
C ASP C 292 33.33 15.71 18.30
N VAL C 293 32.69 14.66 17.77
CA VAL C 293 32.46 14.56 16.34
C VAL C 293 31.50 15.66 15.87
N THR C 294 31.81 16.26 14.72
CA THR C 294 30.99 17.28 14.06
C THR C 294 30.51 16.72 12.72
N LYS C 295 30.24 17.61 11.77
CA LYS C 295 29.84 17.21 10.42
C LYS C 295 30.39 18.22 9.40
N PRO C 296 31.73 18.26 9.14
CA PRO C 296 32.29 19.19 8.15
C PRO C 296 31.90 18.85 6.72
N VAL C 297 32.04 19.83 5.83
CA VAL C 297 31.71 19.60 4.39
C VAL C 297 33.03 19.27 3.67
N PRO C 298 33.02 18.37 2.67
CA PRO C 298 34.25 18.00 2.01
C PRO C 298 34.67 19.08 1.03
N HIS C 299 35.95 19.08 0.66
CA HIS C 299 36.41 20.03 -0.37
C HIS C 299 36.09 19.41 -1.74
N LEU C 300 35.02 19.88 -2.38
CA LEU C 300 34.56 19.31 -3.67
C LEU C 300 34.26 17.81 -3.46
N GLY D 1 29.27 -16.02 21.25
CA GLY D 1 30.26 -15.15 20.55
C GLY D 1 29.58 -14.30 19.48
N VAL D 2 30.40 -13.77 18.58
CA VAL D 2 29.91 -12.85 17.56
C VAL D 2 28.85 -13.56 16.72
N ASN D 3 29.00 -14.88 16.55
CA ASN D 3 28.07 -15.68 15.76
C ASN D 3 26.66 -15.64 16.31
N GLU D 4 26.48 -15.14 17.53
CA GLU D 4 25.17 -15.02 18.16
C GLU D 4 24.82 -13.54 18.32
N VAL D 5 25.55 -12.71 17.57
CA VAL D 5 25.36 -11.26 17.50
C VAL D 5 24.84 -10.69 18.82
N PRO D 6 25.57 -10.88 19.94
CA PRO D 6 25.11 -10.44 21.26
C PRO D 6 24.62 -8.99 21.32
N ASP D 7 25.29 -8.09 20.60
CA ASP D 7 24.96 -6.67 20.65
C ASP D 7 23.71 -6.37 19.83
N TYR D 8 23.18 -7.34 19.07
CA TYR D 8 22.11 -7.08 18.10
C TYR D 8 20.91 -8.03 18.21
N HIS D 9 21.05 -9.18 18.88
CA HIS D 9 20.03 -10.24 18.89
C HIS D 9 18.65 -9.70 19.27
N GLU D 10 18.64 -8.73 20.19
CA GLU D 10 17.39 -8.18 20.68
C GLU D 10 16.77 -7.20 19.67
N ASP D 11 17.60 -6.34 19.06
CA ASP D 11 17.11 -5.40 18.07
C ASP D 11 16.50 -6.17 16.90
N ILE D 12 17.20 -7.24 16.50
CA ILE D 12 16.84 -8.13 15.39
C ILE D 12 15.50 -8.79 15.66
N HIS D 13 15.33 -9.35 16.87
CA HIS D 13 14.11 -10.02 17.28
C HIS D 13 12.93 -9.04 17.23
N THR D 14 13.09 -7.84 17.78
CA THR D 14 12.05 -6.83 17.73
C THR D 14 11.70 -6.53 16.28
N TYR D 15 12.72 -6.50 15.41
CA TYR D 15 12.50 -6.18 14.01
C TYR D 15 11.72 -7.31 13.35
N LEU D 16 12.19 -8.54 13.53
CA LEU D 16 11.53 -9.71 12.91
C LEU D 16 10.07 -9.80 13.36
N ARG D 17 9.79 -9.38 14.60
CA ARG D 17 8.41 -9.48 15.14
C ARG D 17 7.54 -8.43 14.44
N GLU D 18 8.13 -7.36 13.95
CA GLU D 18 7.35 -6.29 13.28
C GLU D 18 7.20 -6.66 11.79
N MET D 19 8.14 -7.44 11.27
CA MET D 19 8.12 -7.77 9.82
C MET D 19 7.20 -8.98 9.58
N GLU D 20 7.08 -9.86 10.57
CA GLU D 20 6.21 -11.05 10.42
C GLU D 20 4.75 -10.59 10.27
N VAL D 21 4.40 -9.46 10.86
CA VAL D 21 3.05 -8.92 10.75
C VAL D 21 2.88 -8.34 9.35
N LYS D 22 3.90 -7.64 8.85
CA LYS D 22 3.89 -7.07 7.51
C LYS D 22 3.85 -8.16 6.43
N CYS D 23 4.64 -9.23 6.56
CA CYS D 23 4.72 -10.25 5.54
C CYS D 23 3.70 -11.37 5.77
N LYS D 24 2.57 -11.06 6.41
CA LYS D 24 1.62 -12.09 6.82
C LYS D 24 0.54 -12.28 5.76
N PRO D 25 0.27 -13.52 5.29
CA PRO D 25 -0.79 -13.77 4.30
C PRO D 25 -2.17 -13.43 4.86
N LYS D 26 -3.13 -13.18 3.94
CA LYS D 26 -4.55 -13.09 4.27
C LYS D 26 -5.06 -14.41 4.84
N VAL D 27 -5.71 -14.32 6.00
CA VAL D 27 -6.02 -15.46 6.86
C VAL D 27 -7.03 -16.37 6.17
N GLY D 28 -7.97 -15.80 5.42
CA GLY D 28 -8.90 -16.65 4.70
C GLY D 28 -8.80 -16.46 3.19
N TYR D 29 -7.57 -16.49 2.67
CA TYR D 29 -7.38 -16.23 1.26
C TYR D 29 -8.03 -17.35 0.45
N MET D 30 -8.00 -18.59 0.97
CA MET D 30 -8.47 -19.77 0.25
C MET D 30 -9.98 -19.73 -0.01
N LYS D 31 -10.75 -19.11 0.91
CA LYS D 31 -12.18 -18.94 0.70
C LYS D 31 -12.44 -18.13 -0.57
N LYS D 32 -11.60 -17.13 -0.84
CA LYS D 32 -11.76 -16.21 -1.96
C LYS D 32 -11.01 -16.71 -3.21
N GLN D 33 -10.39 -17.90 -3.16
CA GLN D 33 -9.77 -18.55 -4.32
C GLN D 33 -10.78 -19.52 -4.93
N PRO D 34 -11.41 -19.15 -6.07
CA PRO D 34 -12.51 -19.97 -6.61
C PRO D 34 -12.11 -21.36 -7.10
N ASP D 35 -10.85 -21.57 -7.54
CA ASP D 35 -10.50 -22.83 -8.18
C ASP D 35 -9.54 -23.68 -7.36
N ILE D 36 -9.01 -23.19 -6.23
CA ILE D 36 -8.05 -23.96 -5.45
C ILE D 36 -8.48 -24.04 -3.97
N THR D 37 -7.89 -24.99 -3.23
CA THR D 37 -8.32 -25.36 -1.88
C THR D 37 -7.14 -25.61 -0.95
N ASN D 38 -7.44 -25.67 0.36
CA ASN D 38 -6.45 -25.96 1.38
C ASN D 38 -5.73 -27.29 1.08
N SER D 39 -6.54 -28.25 0.60
CA SER D 39 -6.09 -29.57 0.22
C SER D 39 -5.00 -29.53 -0.86
N MET D 40 -5.22 -28.69 -1.89
CA MET D 40 -4.34 -28.61 -3.03
C MET D 40 -3.04 -27.97 -2.56
N ARG D 41 -3.20 -26.93 -1.74
CA ARG D 41 -2.07 -26.24 -1.14
C ARG D 41 -1.20 -27.24 -0.37
N ALA D 42 -1.83 -28.14 0.41
CA ALA D 42 -1.11 -29.15 1.15
C ALA D 42 -0.27 -30.03 0.22
N ILE D 43 -0.87 -30.50 -0.88
CA ILE D 43 -0.13 -31.28 -1.87
C ILE D 43 1.09 -30.50 -2.37
N LEU D 44 0.87 -29.22 -2.65
CA LEU D 44 1.93 -28.38 -3.21
C LEU D 44 3.07 -28.21 -2.20
N VAL D 45 2.74 -27.99 -0.92
CA VAL D 45 3.75 -27.76 0.09
C VAL D 45 4.51 -29.07 0.32
N ASP D 46 3.79 -30.18 0.24
CA ASP D 46 4.42 -31.47 0.52
C ASP D 46 5.45 -31.77 -0.55
N TRP D 47 5.11 -31.41 -1.80
CA TRP D 47 6.00 -31.58 -2.93
C TRP D 47 7.24 -30.71 -2.79
N LEU D 48 7.06 -29.49 -2.27
CA LEU D 48 8.20 -28.63 -2.02
C LEU D 48 9.12 -29.20 -0.94
N VAL D 49 8.57 -29.87 0.10
CA VAL D 49 9.37 -30.55 1.11
C VAL D 49 10.26 -31.60 0.45
N GLU D 50 9.68 -32.32 -0.53
CA GLU D 50 10.34 -33.36 -1.29
C GLU D 50 11.46 -32.76 -2.15
N VAL D 51 11.18 -31.63 -2.83
CA VAL D 51 12.14 -30.96 -3.69
C VAL D 51 13.32 -30.46 -2.84
N GLY D 52 13.01 -29.99 -1.62
CA GLY D 52 14.00 -29.53 -0.67
C GLY D 52 14.97 -30.65 -0.31
N GLU D 53 14.48 -31.89 -0.23
CA GLU D 53 15.33 -33.02 0.16
C GLU D 53 16.16 -33.45 -1.04
N GLU D 54 15.54 -33.55 -2.22
CA GLU D 54 16.18 -33.94 -3.46
C GLU D 54 17.35 -33.01 -3.79
N TYR D 55 17.26 -31.72 -3.43
CA TYR D 55 18.27 -30.76 -3.87
C TYR D 55 19.10 -30.28 -2.68
N LYS D 56 18.88 -30.93 -1.52
CA LYS D 56 19.55 -30.63 -0.26
C LYS D 56 19.56 -29.12 0.01
N LEU D 57 18.35 -28.53 0.06
CA LEU D 57 18.15 -27.11 0.29
C LEU D 57 17.97 -26.89 1.79
N GLN D 58 18.30 -25.67 2.23
CA GLN D 58 18.08 -25.24 3.60
C GLN D 58 16.59 -25.34 3.89
N ASN D 59 16.25 -25.73 5.11
CA ASN D 59 14.86 -25.68 5.55
C ASN D 59 14.36 -24.24 5.48
N GLU D 60 15.28 -23.30 5.75
CA GLU D 60 14.96 -21.89 5.64
C GLU D 60 14.27 -21.60 4.29
N THR D 61 14.87 -22.15 3.20
CA THR D 61 14.41 -21.99 1.83
C THR D 61 12.95 -22.45 1.71
N LEU D 62 12.62 -23.58 2.36
CA LEU D 62 11.28 -24.12 2.32
C LEU D 62 10.28 -23.12 2.92
N HIS D 63 10.63 -22.58 4.09
CA HIS D 63 9.72 -21.71 4.82
C HIS D 63 9.46 -20.44 4.00
N LEU D 64 10.52 -19.87 3.42
CA LEU D 64 10.42 -18.68 2.60
C LEU D 64 9.48 -18.93 1.41
N ALA D 65 9.72 -20.02 0.66
CA ALA D 65 8.93 -20.39 -0.49
C ALA D 65 7.45 -20.39 -0.15
N VAL D 66 7.12 -20.97 1.03
CA VAL D 66 5.75 -21.10 1.48
C VAL D 66 5.18 -19.71 1.84
N ASN D 67 5.99 -18.84 2.43
CA ASN D 67 5.55 -17.46 2.71
C ASN D 67 5.20 -16.79 1.38
N TYR D 68 6.09 -16.95 0.38
CA TYR D 68 5.91 -16.30 -0.90
C TYR D 68 4.62 -16.78 -1.57
N ILE D 69 4.36 -18.11 -1.51
CA ILE D 69 3.18 -18.70 -2.14
C ILE D 69 1.91 -18.14 -1.50
N ASP D 70 1.87 -18.14 -0.15
CA ASP D 70 0.67 -17.70 0.56
C ASP D 70 0.41 -16.22 0.29
N ARG D 71 1.47 -15.40 0.31
CA ARG D 71 1.31 -13.99 0.04
C ARG D 71 0.80 -13.75 -1.39
N PHE D 72 1.33 -14.53 -2.34
CA PHE D 72 0.97 -14.38 -3.73
C PHE D 72 -0.51 -14.72 -3.92
N LEU D 73 -0.95 -15.82 -3.31
CA LEU D 73 -2.32 -16.30 -3.44
C LEU D 73 -3.26 -15.40 -2.64
N SER D 74 -2.67 -14.55 -1.79
CA SER D 74 -3.43 -13.58 -1.02
C SER D 74 -3.94 -12.48 -1.93
N SER D 75 -3.22 -12.24 -3.03
CA SER D 75 -3.63 -11.21 -3.98
C SER D 75 -3.94 -11.71 -5.40
N MET D 76 -3.47 -12.90 -5.80
CA MET D 76 -3.66 -13.30 -7.19
C MET D 76 -4.56 -14.54 -7.30
N SER D 77 -5.66 -14.40 -8.04
CA SER D 77 -6.45 -15.57 -8.40
C SER D 77 -5.58 -16.49 -9.25
N VAL D 78 -5.62 -17.78 -8.94
CA VAL D 78 -4.79 -18.76 -9.65
C VAL D 78 -5.63 -20.00 -9.93
N LEU D 79 -5.64 -20.44 -11.19
CA LEU D 79 -6.31 -21.68 -11.54
C LEU D 79 -5.42 -22.83 -11.12
N ARG D 80 -6.01 -24.01 -11.00
CA ARG D 80 -5.44 -25.20 -10.40
C ARG D 80 -4.21 -25.68 -11.16
N GLY D 81 -4.30 -25.69 -12.50
CA GLY D 81 -3.24 -26.16 -13.38
C GLY D 81 -2.01 -25.26 -13.33
N LYS D 82 -2.12 -24.10 -12.68
CA LYS D 82 -1.00 -23.17 -12.54
C LYS D 82 -0.47 -23.11 -11.12
N LEU D 83 -1.11 -23.82 -10.17
CA LEU D 83 -0.69 -23.80 -8.78
C LEU D 83 0.78 -24.20 -8.64
N GLN D 84 1.19 -25.27 -9.33
CA GLN D 84 2.56 -25.74 -9.29
C GLN D 84 3.52 -24.72 -9.92
N LEU D 85 3.05 -23.96 -10.93
CA LEU D 85 3.90 -22.96 -11.54
C LEU D 85 4.28 -21.92 -10.51
N VAL D 86 3.30 -21.54 -9.67
CA VAL D 86 3.50 -20.56 -8.60
C VAL D 86 4.49 -21.11 -7.59
N GLY D 87 4.35 -22.42 -7.27
CA GLY D 87 5.19 -23.08 -6.28
C GLY D 87 6.64 -23.19 -6.74
N THR D 88 6.85 -23.57 -8.01
CA THR D 88 8.17 -23.71 -8.60
C THR D 88 8.86 -22.35 -8.58
N ALA D 89 8.14 -21.30 -9.00
CA ALA D 89 8.72 -19.97 -9.10
C ALA D 89 9.08 -19.47 -7.72
N ALA D 90 8.27 -19.80 -6.71
CA ALA D 90 8.51 -19.39 -5.34
C ALA D 90 9.76 -20.08 -4.76
N MET D 91 9.88 -21.39 -5.00
CA MET D 91 11.01 -22.18 -4.51
C MET D 91 12.29 -21.65 -5.15
N LEU D 92 12.25 -21.37 -6.47
CA LEU D 92 13.36 -20.78 -7.19
C LEU D 92 13.76 -19.46 -6.53
N LEU D 93 12.76 -18.59 -6.30
CA LEU D 93 13.04 -17.27 -5.75
C LEU D 93 13.64 -17.40 -4.35
N ALA D 94 13.07 -18.29 -3.52
CA ALA D 94 13.58 -18.54 -2.18
C ALA D 94 14.99 -19.07 -2.24
N SER D 95 15.26 -19.96 -3.20
CA SER D 95 16.59 -20.48 -3.44
C SER D 95 17.58 -19.37 -3.79
N LYS D 96 17.21 -18.46 -4.71
CA LYS D 96 18.15 -17.40 -5.07
C LYS D 96 18.37 -16.49 -3.87
N PHE D 97 17.33 -16.30 -3.04
CA PHE D 97 17.46 -15.46 -1.87
C PHE D 97 18.44 -16.10 -0.88
N GLU D 98 18.20 -17.38 -0.55
CA GLU D 98 18.71 -18.00 0.66
C GLU D 98 19.95 -18.86 0.42
N GLU D 99 20.05 -19.54 -0.73
CA GLU D 99 21.06 -20.58 -0.94
C GLU D 99 22.35 -19.97 -1.49
N ILE D 100 23.48 -20.52 -1.04
CA ILE D 100 24.81 -20.22 -1.54
C ILE D 100 24.93 -20.67 -3.00
N TYR D 101 24.43 -21.89 -3.27
CA TYR D 101 24.49 -22.58 -4.55
C TYR D 101 23.07 -22.99 -4.95
N PRO D 102 22.24 -22.05 -5.43
CA PRO D 102 20.87 -22.40 -5.82
C PRO D 102 20.85 -23.37 -6.99
N PRO D 103 19.87 -24.30 -7.07
CA PRO D 103 19.69 -25.10 -8.28
C PRO D 103 19.51 -24.09 -9.40
N GLU D 104 19.94 -24.48 -10.61
CA GLU D 104 19.71 -23.69 -11.81
C GLU D 104 18.24 -23.84 -12.21
N VAL D 105 17.76 -22.89 -13.04
CA VAL D 105 16.35 -22.83 -13.43
C VAL D 105 15.96 -24.16 -14.08
N ALA D 106 16.86 -24.70 -14.90
CA ALA D 106 16.58 -25.92 -15.63
C ALA D 106 16.21 -27.07 -14.69
N GLU D 107 16.77 -27.08 -13.47
CA GLU D 107 16.46 -28.10 -12.48
C GLU D 107 15.06 -27.87 -11.94
N PHE D 108 14.66 -26.59 -11.84
CA PHE D 108 13.32 -26.26 -11.39
C PHE D 108 12.28 -26.67 -12.43
N VAL D 109 12.65 -26.68 -13.72
CA VAL D 109 11.83 -27.17 -14.81
C VAL D 109 11.73 -28.70 -14.76
N TYR D 110 12.86 -29.38 -14.50
CA TYR D 110 12.85 -30.83 -14.50
C TYR D 110 11.93 -31.41 -13.42
N ILE D 111 11.82 -30.78 -12.24
CA ILE D 111 11.00 -31.31 -11.14
C ILE D 111 9.49 -31.24 -11.42
N THR D 112 9.08 -30.42 -12.39
CA THR D 112 7.68 -30.25 -12.71
C THR D 112 7.27 -31.27 -13.77
N ASP D 113 8.21 -32.15 -14.21
CA ASP D 113 8.00 -33.19 -15.21
C ASP D 113 7.68 -32.58 -16.56
N ASP D 114 8.33 -31.45 -16.85
CA ASP D 114 8.08 -30.65 -18.05
C ASP D 114 6.58 -30.33 -18.23
N THR D 115 5.86 -30.16 -17.10
CA THR D 115 4.47 -29.72 -17.09
C THR D 115 4.40 -28.27 -17.59
N TYR D 116 5.48 -27.52 -17.30
CA TYR D 116 5.62 -26.14 -17.69
C TYR D 116 6.93 -25.99 -18.46
N THR D 117 6.98 -24.98 -19.35
CA THR D 117 8.16 -24.57 -20.09
C THR D 117 9.10 -23.79 -19.19
N LYS D 118 10.36 -23.64 -19.63
CA LYS D 118 11.31 -22.81 -18.90
C LYS D 118 10.82 -21.35 -18.91
N LYS D 119 10.30 -20.92 -20.07
CA LYS D 119 9.77 -19.57 -20.26
C LYS D 119 8.65 -19.31 -19.24
N GLN D 120 7.81 -20.33 -18.98
CA GLN D 120 6.73 -20.18 -18.03
C GLN D 120 7.26 -19.94 -16.62
N VAL D 121 8.27 -20.72 -16.22
CA VAL D 121 8.88 -20.57 -14.91
C VAL D 121 9.50 -19.18 -14.77
N LEU D 122 10.21 -18.74 -15.80
CA LEU D 122 10.95 -17.49 -15.71
C LEU D 122 9.99 -16.31 -15.67
N ARG D 123 8.93 -16.39 -16.47
CA ARG D 123 7.89 -15.37 -16.47
C ARG D 123 7.12 -15.35 -15.13
N MET D 124 6.81 -16.52 -14.58
CA MET D 124 6.18 -16.60 -13.28
C MET D 124 7.09 -16.01 -12.22
N GLU D 125 8.41 -16.25 -12.34
CA GLU D 125 9.35 -15.64 -11.40
C GLU D 125 9.19 -14.12 -11.35
N HIS D 126 9.16 -13.45 -12.50
CA HIS D 126 9.06 -12.01 -12.51
C HIS D 126 7.70 -11.57 -11.94
N LEU D 127 6.64 -12.30 -12.29
CA LEU D 127 5.31 -11.95 -11.81
C LEU D 127 5.30 -12.01 -10.27
N VAL D 128 5.88 -13.08 -9.71
CA VAL D 128 5.88 -13.23 -8.28
C VAL D 128 6.61 -12.05 -7.65
N LEU D 129 7.73 -11.64 -8.28
CA LEU D 129 8.53 -10.54 -7.76
C LEU D 129 7.70 -9.25 -7.73
N LYS D 130 6.92 -9.04 -8.79
CA LYS D 130 6.09 -7.85 -8.93
C LYS D 130 5.01 -7.85 -7.85
N VAL D 131 4.30 -8.97 -7.71
CA VAL D 131 3.21 -9.09 -6.76
C VAL D 131 3.72 -8.89 -5.32
N LEU D 132 4.88 -9.45 -5.00
CA LEU D 132 5.48 -9.27 -3.69
C LEU D 132 6.25 -7.95 -3.58
N ALA D 133 6.38 -7.21 -4.68
CA ALA D 133 7.16 -5.97 -4.74
C ALA D 133 8.56 -6.19 -4.13
N PHE D 134 9.16 -7.35 -4.49
CA PHE D 134 10.51 -7.71 -4.07
C PHE D 134 10.68 -7.78 -2.55
N ASP D 135 9.57 -7.90 -1.81
N ASP D 135 9.55 -7.88 -1.83
CA ASP D 135 9.66 -7.98 -0.36
CA ASP D 135 9.64 -7.98 -0.39
C ASP D 135 9.84 -9.45 0.01
C ASP D 135 9.83 -9.46 -0.05
N LEU D 136 11.11 -9.90 -0.07
CA LEU D 136 11.44 -11.31 0.02
C LEU D 136 12.04 -11.70 1.36
N ALA D 137 12.51 -10.75 2.18
CA ALA D 137 13.23 -11.06 3.42
C ALA D 137 12.23 -11.33 4.55
N ALA D 138 11.47 -12.42 4.43
CA ALA D 138 10.38 -12.72 5.35
C ALA D 138 10.93 -13.42 6.57
N PRO D 139 10.47 -13.07 7.81
CA PRO D 139 10.83 -13.84 9.00
C PRO D 139 10.06 -15.16 8.92
N THR D 140 10.75 -16.26 9.20
CA THR D 140 10.20 -17.61 9.12
C THR D 140 10.12 -18.17 10.53
N ILE D 141 9.41 -19.28 10.69
CA ILE D 141 9.42 -20.04 11.93
C ILE D 141 10.86 -20.38 12.32
N ASN D 142 11.68 -20.79 11.35
CA ASN D 142 13.04 -21.22 11.63
C ASN D 142 13.87 -20.09 12.23
N GLN D 143 13.62 -18.86 11.77
CA GLN D 143 14.40 -17.72 12.21
C GLN D 143 14.18 -17.45 13.69
N PHE D 144 12.97 -17.78 14.16
CA PHE D 144 12.60 -17.63 15.55
C PHE D 144 13.13 -18.80 16.36
N LEU D 145 12.89 -20.03 15.87
CA LEU D 145 13.36 -21.26 16.49
C LEU D 145 14.88 -21.24 16.74
N THR D 146 15.66 -20.81 15.75
CA THR D 146 17.12 -20.82 15.87
C THR D 146 17.53 -19.89 17.01
N GLN D 147 16.71 -18.86 17.24
CA GLN D 147 16.88 -17.90 18.32
C GLN D 147 16.46 -18.50 19.67
N TYR D 148 15.28 -19.16 19.66
CA TYR D 148 14.70 -19.85 20.80
C TYR D 148 15.65 -20.97 21.25
N PHE D 149 16.29 -21.65 20.29
CA PHE D 149 17.17 -22.78 20.59
C PHE D 149 18.37 -22.36 21.41
N LEU D 150 18.65 -21.05 21.47
CA LEU D 150 19.79 -20.56 22.22
C LEU D 150 19.52 -20.65 23.73
N HIS D 151 18.29 -20.31 24.14
CA HIS D 151 17.89 -20.33 25.54
C HIS D 151 17.82 -21.76 26.08
N GLN D 152 18.40 -22.73 25.36
CA GLN D 152 18.56 -24.09 25.86
C GLN D 152 19.72 -24.13 26.85
N GLN D 153 19.75 -25.15 27.72
CA GLN D 153 20.73 -25.16 28.78
C GLN D 153 20.85 -26.56 29.39
N PRO D 154 21.66 -27.46 28.78
CA PRO D 154 22.46 -27.17 27.56
C PRO D 154 21.62 -27.32 26.29
N ALA D 155 22.24 -27.65 25.15
CA ALA D 155 21.52 -27.77 23.88
C ALA D 155 21.16 -29.23 23.59
N ASN D 156 19.90 -29.45 23.18
CA ASN D 156 19.42 -30.84 22.90
C ASN D 156 19.19 -31.00 21.39
N CYS D 157 19.99 -31.84 20.75
CA CYS D 157 19.90 -32.05 19.28
C CYS D 157 18.51 -32.57 18.91
N LYS D 158 17.92 -33.43 19.75
CA LYS D 158 16.60 -34.02 19.41
C LYS D 158 15.53 -32.94 19.57
N VAL D 159 15.53 -32.23 20.70
CA VAL D 159 14.56 -31.11 20.87
C VAL D 159 14.66 -30.22 19.62
N GLU D 160 15.88 -29.96 19.15
CA GLU D 160 16.07 -29.09 18.00
C GLU D 160 15.42 -29.74 16.76
N SER D 161 15.83 -30.97 16.45
CA SER D 161 15.26 -31.66 15.31
C SER D 161 13.74 -31.76 15.42
N LEU D 162 13.23 -32.00 16.64
CA LEU D 162 11.80 -32.17 16.84
C LEU D 162 11.06 -30.84 16.66
N ALA D 163 11.65 -29.74 17.15
CA ALA D 163 11.02 -28.44 16.97
C ALA D 163 10.91 -28.09 15.49
N MET D 164 12.01 -28.35 14.76
CA MET D 164 12.06 -28.09 13.33
C MET D 164 10.87 -28.76 12.64
N PHE D 165 10.69 -30.05 12.96
CA PHE D 165 9.71 -30.95 12.39
C PHE D 165 8.28 -30.48 12.63
N LEU D 166 7.97 -30.09 13.86
CA LEU D 166 6.63 -29.64 14.19
C LEU D 166 6.32 -28.39 13.38
N GLY D 167 7.27 -27.45 13.39
CA GLY D 167 7.13 -26.23 12.62
C GLY D 167 6.82 -26.49 11.15
N GLU D 168 7.50 -27.50 10.59
CA GLU D 168 7.37 -27.85 9.19
C GLU D 168 6.00 -28.47 8.93
N LEU D 169 5.51 -29.31 9.86
CA LEU D 169 4.18 -29.89 9.72
C LEU D 169 3.14 -28.77 9.55
N SER D 170 3.35 -27.64 10.24
CA SER D 170 2.44 -26.52 10.19
C SER D 170 2.34 -25.91 8.79
N LEU D 171 3.42 -25.98 7.99
CA LEU D 171 3.46 -25.37 6.66
C LEU D 171 2.38 -25.98 5.77
N ILE D 172 2.08 -27.26 5.99
CA ILE D 172 1.23 -28.05 5.10
C ILE D 172 -0.23 -27.64 5.19
N ASP D 173 -0.65 -27.12 6.35
CA ASP D 173 -2.05 -26.99 6.66
C ASP D 173 -2.42 -25.53 6.88
N ALA D 174 -2.92 -24.87 5.83
CA ALA D 174 -3.39 -23.47 5.96
C ALA D 174 -4.37 -23.39 7.12
N ASP D 175 -5.29 -24.34 7.21
CA ASP D 175 -6.23 -24.40 8.36
C ASP D 175 -5.68 -25.44 9.32
N PRO D 176 -5.15 -25.02 10.50
CA PRO D 176 -5.35 -23.67 10.97
C PRO D 176 -4.16 -22.75 11.15
N TYR D 177 -3.03 -23.02 10.52
CA TYR D 177 -1.80 -22.26 10.84
C TYR D 177 -1.73 -20.89 10.16
N LEU D 178 -2.52 -20.64 9.11
CA LEU D 178 -2.45 -19.33 8.51
C LEU D 178 -2.86 -18.22 9.48
N LYS D 179 -3.48 -18.59 10.62
CA LYS D 179 -3.97 -17.58 11.54
C LYS D 179 -2.99 -17.35 12.69
N TYR D 180 -1.89 -18.10 12.73
CA TYR D 180 -0.83 -17.87 13.70
C TYR D 180 0.39 -17.26 13.02
N LEU D 181 1.09 -16.38 13.76
CA LEU D 181 2.33 -15.74 13.33
C LEU D 181 3.48 -16.74 13.47
N PRO D 182 4.55 -16.63 12.63
CA PRO D 182 5.68 -17.54 12.75
C PRO D 182 6.26 -17.64 14.16
N SER D 183 6.40 -16.48 14.82
CA SER D 183 7.00 -16.43 16.15
C SER D 183 6.22 -17.28 17.14
N VAL D 184 4.88 -17.28 16.98
CA VAL D 184 3.94 -18.01 17.83
C VAL D 184 4.05 -19.52 17.54
N ILE D 185 4.03 -19.89 16.26
CA ILE D 185 4.13 -21.30 15.89
C ILE D 185 5.48 -21.84 16.33
N ALA D 186 6.54 -21.05 16.12
CA ALA D 186 7.88 -21.41 16.59
C ALA D 186 7.85 -21.68 18.09
N ALA D 187 7.21 -20.79 18.85
CA ALA D 187 7.14 -20.94 20.30
C ALA D 187 6.41 -22.21 20.70
N ALA D 188 5.25 -22.50 20.07
CA ALA D 188 4.44 -23.68 20.33
C ALA D 188 5.19 -24.93 19.93
N ALA D 189 5.96 -24.85 18.84
CA ALA D 189 6.76 -25.95 18.34
C ALA D 189 7.90 -26.29 19.32
N PHE D 190 8.52 -25.25 19.90
CA PHE D 190 9.63 -25.40 20.81
C PHE D 190 9.14 -26.00 22.13
N HIS D 191 8.06 -25.42 22.69
CA HIS D 191 7.50 -25.97 23.91
C HIS D 191 7.10 -27.43 23.70
N LEU D 192 6.36 -27.71 22.64
CA LEU D 192 5.82 -29.04 22.44
C LEU D 192 6.93 -30.07 22.28
N ALA D 193 8.11 -29.63 21.83
CA ALA D 193 9.19 -30.57 21.57
C ALA D 193 10.06 -30.79 22.81
N LEU D 194 10.25 -29.72 23.60
CA LEU D 194 10.95 -29.81 24.88
C LEU D 194 10.21 -30.83 25.77
N TYR D 195 8.93 -30.54 26.03
CA TYR D 195 8.05 -31.38 26.84
C TYR D 195 8.06 -32.82 26.33
N THR D 196 8.12 -33.04 25.02
CA THR D 196 8.08 -34.40 24.50
C THR D 196 9.34 -35.19 24.89
N VAL D 197 10.51 -34.55 24.87
CA VAL D 197 11.80 -35.24 25.02
C VAL D 197 12.40 -35.02 26.41
N THR D 198 11.85 -34.07 27.18
CA THR D 198 12.49 -33.67 28.43
C THR D 198 11.44 -33.42 29.51
N GLY D 199 10.20 -33.11 29.10
CA GLY D 199 9.14 -32.81 30.06
C GLY D 199 9.27 -31.36 30.52
N GLN D 200 10.26 -30.67 29.96
CA GLN D 200 10.52 -29.30 30.31
C GLN D 200 9.55 -28.40 29.56
N SER D 201 9.45 -27.13 29.98
CA SER D 201 8.43 -26.23 29.45
C SER D 201 9.02 -24.90 28.96
N TRP D 202 8.23 -24.18 28.14
CA TRP D 202 8.55 -22.84 27.66
C TRP D 202 9.36 -22.08 28.71
N PRO D 203 10.68 -21.82 28.46
CA PRO D 203 11.57 -21.19 29.44
C PRO D 203 11.12 -19.78 29.86
N GLU D 204 11.60 -19.32 31.02
CA GLU D 204 11.21 -18.02 31.54
C GLU D 204 11.99 -16.94 30.77
N SER D 205 13.22 -17.28 30.41
CA SER D 205 14.06 -16.42 29.58
C SER D 205 13.32 -16.05 28.30
N LEU D 206 12.71 -17.06 27.66
CA LEU D 206 11.98 -16.88 26.41
C LEU D 206 10.61 -16.24 26.68
N VAL D 207 10.10 -16.35 27.92
CA VAL D 207 8.90 -15.63 28.29
C VAL D 207 9.22 -14.14 28.30
N GLN D 208 10.43 -13.80 28.75
CA GLN D 208 10.86 -12.43 28.92
C GLN D 208 11.27 -11.81 27.59
N LYS D 209 11.82 -12.62 26.68
CA LYS D 209 12.21 -12.20 25.34
C LYS D 209 10.99 -11.91 24.49
N THR D 210 9.99 -12.81 24.49
CA THR D 210 8.90 -12.84 23.51
C THR D 210 7.64 -12.18 24.04
N GLY D 211 7.48 -12.15 25.37
CA GLY D 211 6.27 -11.72 26.02
C GLY D 211 5.16 -12.75 25.83
N TYR D 212 5.56 -14.00 25.56
CA TYR D 212 4.64 -15.11 25.31
C TYR D 212 4.68 -16.07 26.49
N THR D 213 3.48 -16.51 26.87
CA THR D 213 3.31 -17.46 27.95
C THR D 213 2.52 -18.64 27.37
N LEU D 214 2.53 -19.76 28.10
CA LEU D 214 1.80 -20.94 27.70
C LEU D 214 0.31 -20.61 27.57
N GLU D 215 -0.10 -19.50 28.20
CA GLU D 215 -1.49 -19.08 28.17
C GLU D 215 -1.78 -18.35 26.86
N THR D 216 -0.84 -17.51 26.41
CA THR D 216 -0.93 -16.89 25.09
C THR D 216 -0.72 -17.96 24.00
N LEU D 217 0.10 -18.98 24.30
CA LEU D 217 0.45 -20.06 23.39
C LEU D 217 -0.58 -21.21 23.36
N LYS D 218 -1.50 -21.32 24.31
CA LYS D 218 -2.37 -22.48 24.41
C LYS D 218 -3.09 -22.79 23.09
N PRO D 219 -3.78 -21.81 22.44
CA PRO D 219 -4.51 -22.10 21.20
C PRO D 219 -3.65 -22.81 20.14
N CYS D 220 -2.47 -22.25 19.86
CA CYS D 220 -1.54 -22.80 18.89
C CYS D 220 -0.98 -24.14 19.39
N LEU D 221 -0.70 -24.22 20.69
CA LEU D 221 -0.19 -25.45 21.28
C LEU D 221 -1.22 -26.55 21.06
N LEU D 222 -2.50 -26.24 21.34
CA LEU D 222 -3.61 -27.17 21.20
C LEU D 222 -3.73 -27.67 19.76
N ASP D 223 -3.68 -26.75 18.80
CA ASP D 223 -3.75 -27.10 17.39
C ASP D 223 -2.52 -27.94 17.01
N LEU D 224 -1.34 -27.51 17.47
CA LEU D 224 -0.12 -28.18 17.06
C LEU D 224 -0.02 -29.58 17.67
N HIS D 225 -0.44 -29.70 18.94
CA HIS D 225 -0.53 -31.00 19.59
C HIS D 225 -1.38 -31.95 18.74
N GLN D 226 -2.57 -31.48 18.34
CA GLN D 226 -3.53 -32.22 17.54
C GLN D 226 -2.87 -32.70 16.25
N THR D 227 -2.21 -31.77 15.54
CA THR D 227 -1.52 -32.06 14.30
C THR D 227 -0.51 -33.19 14.51
N TYR D 228 0.39 -33.02 15.49
CA TYR D 228 1.41 -34.03 15.82
C TYR D 228 0.76 -35.40 15.99
N LEU D 229 -0.41 -35.43 16.66
CA LEU D 229 -1.07 -36.67 17.00
C LEU D 229 -1.58 -37.40 15.74
N ARG D 230 -2.14 -36.66 14.79
CA ARG D 230 -2.73 -37.25 13.60
C ARG D 230 -1.71 -37.39 12.47
N ALA D 231 -0.47 -36.97 12.74
CA ALA D 231 0.59 -36.88 11.75
C ALA D 231 0.71 -38.14 10.89
N PRO D 232 0.74 -39.37 11.48
CA PRO D 232 0.83 -40.61 10.69
C PRO D 232 -0.32 -40.87 9.71
N GLN D 233 -1.50 -40.25 9.94
CA GLN D 233 -2.68 -40.48 9.12
C GLN D 233 -2.88 -39.40 8.08
N HIS D 234 -2.11 -38.30 8.18
CA HIS D 234 -2.20 -37.18 7.25
C HIS D 234 -1.94 -37.66 5.82
N ALA D 235 -2.68 -37.12 4.85
CA ALA D 235 -2.52 -37.51 3.45
C ALA D 235 -1.10 -37.24 2.96
N GLN D 236 -0.46 -36.25 3.58
CA GLN D 236 0.89 -35.81 3.23
C GLN D 236 1.88 -36.26 4.30
N GLN D 237 2.95 -36.92 3.82
CA GLN D 237 3.83 -37.77 4.62
C GLN D 237 5.31 -37.43 4.42
N SER D 238 5.64 -36.55 3.46
CA SER D 238 7.02 -36.26 3.06
C SER D 238 7.87 -35.75 4.22
N ILE D 239 7.24 -34.98 5.14
CA ILE D 239 7.93 -34.45 6.30
C ILE D 239 8.29 -35.58 7.26
N ARG D 240 7.33 -36.45 7.54
CA ARG D 240 7.57 -37.61 8.40
C ARG D 240 8.72 -38.46 7.85
N GLU D 241 8.73 -38.67 6.52
CA GLU D 241 9.77 -39.39 5.79
C GLU D 241 11.14 -38.74 6.05
N LYS D 242 11.20 -37.45 5.71
CA LYS D 242 12.38 -36.62 5.87
C LYS D 242 12.99 -36.80 7.26
N TYR D 243 12.11 -36.73 8.28
CA TYR D 243 12.55 -36.61 9.67
C TYR D 243 12.67 -37.98 10.34
N LYS D 244 12.58 -39.06 9.53
CA LYS D 244 12.87 -40.41 9.99
C LYS D 244 14.36 -40.70 9.80
N ASN D 245 15.08 -39.72 9.24
CA ASN D 245 16.51 -39.95 8.92
C ASN D 245 17.42 -39.53 10.07
N SER D 246 18.69 -39.94 10.01
CA SER D 246 19.66 -39.67 11.10
C SER D 246 19.90 -38.16 11.27
N LYS D 247 20.06 -37.44 10.17
CA LYS D 247 20.29 -35.97 10.22
C LYS D 247 19.25 -35.35 11.15
N TYR D 248 18.06 -35.93 11.20
CA TYR D 248 16.97 -35.36 12.03
C TYR D 248 16.69 -36.28 13.20
N HIS D 249 17.58 -37.24 13.46
CA HIS D 249 17.44 -38.10 14.66
C HIS D 249 16.04 -38.70 14.76
N GLY D 250 15.52 -39.30 13.69
CA GLY D 250 14.21 -39.97 13.70
C GLY D 250 13.23 -39.41 14.72
N VAL D 251 13.13 -38.08 14.82
CA VAL D 251 12.24 -37.44 15.83
C VAL D 251 10.79 -37.66 15.39
N SER D 252 10.60 -38.11 14.16
CA SER D 252 9.27 -38.34 13.63
C SER D 252 8.79 -39.72 14.10
N LEU D 253 9.73 -40.60 14.45
CA LEU D 253 9.45 -41.92 15.01
C LEU D 253 9.21 -41.85 16.51
N LEU D 254 9.52 -40.72 17.14
CA LEU D 254 9.15 -40.53 18.54
C LEU D 254 7.64 -40.53 18.64
N ASN D 255 7.09 -41.18 19.69
CA ASN D 255 5.65 -41.16 19.91
C ASN D 255 5.28 -39.83 20.57
N PRO D 256 4.28 -39.10 20.03
CA PRO D 256 3.87 -37.83 20.63
C PRO D 256 3.42 -37.97 22.07
N PRO D 257 3.49 -36.88 22.86
CA PRO D 257 2.97 -36.91 24.20
C PRO D 257 1.49 -37.10 24.02
N GLU D 258 0.84 -37.74 24.98
CA GLU D 258 -0.61 -37.99 24.85
C GLU D 258 -1.35 -36.80 25.46
N THR D 259 -0.71 -36.10 26.40
CA THR D 259 -1.37 -34.98 27.07
C THR D 259 -0.36 -33.91 27.34
N LEU D 260 -0.84 -32.70 27.65
CA LEU D 260 0.07 -31.57 27.96
C LEU D 260 -0.17 -31.13 29.41
N ASN D 261 0.82 -30.49 30.02
CA ASN D 261 0.69 -30.09 31.44
C ASN D 261 -0.16 -28.81 31.51
N VAL D 262 -1.35 -28.87 30.94
CA VAL D 262 -2.22 -27.66 30.90
C VAL D 262 -3.20 -27.72 32.08
C4 UUG E . -33.70 -11.50 6.45
C4 UUG E . -34.14 -11.35 6.67
C5 UUG E . -32.36 -11.48 5.78
C5 UUG E . -35.41 -10.69 7.15
C6 UUG E . -34.54 -10.39 6.29
C6 UUG E . -33.34 -10.65 5.76
C7 UUG E . -35.78 -10.34 6.88
C7 UUG E . -32.18 -11.20 5.26
C UUG E . -36.22 -11.40 7.64
C UUG E . -31.81 -12.44 5.67
O UUG E . -33.32 -13.68 7.38
O UUG E . -34.59 -13.25 8.07
C1 UUG E . -35.42 -12.52 7.86
C1 UUG E . -32.55 -13.17 6.60
C2 UUG E . -34.18 -12.58 7.23
C2 UUG E . -33.73 -12.63 7.11
C3 UUG E . -33.73 -14.65 8.33
C3 UUG E . -34.41 -14.52 8.68
O1 UUG E . -31.96 -12.73 5.32
O1 UUG E . -36.13 -11.38 8.16
BR UUG E . -37.94 -11.29 8.47
BR UUG E . -30.19 -13.15 4.97
C4 UUG F . -18.34 -6.43 -19.45
C4 UUG F . -18.01 -5.65 -19.55
C5 UUG F . -19.08 -5.96 -20.68
C5 UUG F . -18.62 -4.90 -20.70
C6 UUG F . -18.36 -7.79 -19.09
C6 UUG F . -17.19 -5.00 -18.63
C7 UUG F . -17.68 -8.25 -17.97
C7 UUG F . -16.59 -5.68 -17.59
C UUG F . -16.98 -7.35 -17.23
C UUG F . -16.87 -7.02 -17.45
O UUG F . -17.60 -4.23 -19.04
O UUG F . -19.13 -7.57 -20.31
C1 UUG F . -16.94 -6.00 -17.53
C1 UUG F . -17.73 -7.70 -18.29
C2 UUG F . -17.62 -5.54 -18.63
C2 UUG F . -18.26 -7.02 -19.38
C3 UUG F . -16.74 -3.37 -18.30
C3 UUG F . -19.72 -8.86 -20.20
O1 UUG F . -18.43 -4.86 -21.33
O1 UUG F . -18.54 -3.49 -20.51
BR UUG F . -16.06 -7.96 -15.70
BR UUG F . -16.12 -7.97 -16.02
C4 UUG G . -2.59 -6.46 -25.49
C5 UUG G . -1.14 -6.84 -25.63
C6 UUG G . -3.07 -5.29 -26.08
C7 UUG G . -4.41 -4.92 -25.95
C UUG G . -5.25 -5.73 -25.23
O UUG G . -2.99 -8.38 -24.22
C1 UUG G . -4.80 -6.88 -24.63
C2 UUG G . -3.48 -7.24 -24.76
C3 UUG G . -4.12 -9.21 -23.97
O1 UUG G . -0.92 -8.25 -25.58
BR UUG G . -7.08 -5.29 -25.01
C4 UUG H . -41.35 -16.25 -10.47
C5 UUG H . -40.84 -17.53 -11.08
C6 UUG H . -41.06 -14.99 -11.04
C7 UUG H . -41.55 -13.81 -10.48
C UUG H . -42.29 -13.91 -9.30
O UUG H . -42.36 -17.55 -8.77
C1 UUG H . -42.60 -15.12 -8.73
C2 UUG H . -42.12 -16.30 -9.30
C3 UUG H . -43.07 -17.61 -7.52
O1 UUG H . -40.77 -17.52 -12.51
BR UUG H . -42.99 -12.37 -8.44
C4 UUG I . 3.78 31.44 -8.21
C4 UUG I . 9.44 29.88 -5.28
C5 UUG I . 3.07 32.72 -8.58
C5 UUG I . 10.66 30.59 -4.75
C6 UUG I . 3.10 30.47 -7.48
C6 UUG I . 8.32 29.69 -4.47
C7 UUG I . 3.71 29.29 -7.14
C7 UUG I . 7.20 29.03 -4.96
C UUG I . 5.02 29.07 -7.54
C UUG I . 7.21 28.56 -6.25
O UUG I . 5.65 32.21 -9.37
O UUG I . 10.55 29.62 -7.31
C1 UUG I . 5.73 30.01 -8.29
C1 UUG I . 8.31 28.74 -7.07
C2 UUG I . 5.13 31.22 -8.57
C2 UUG I . 9.42 29.39 -6.59
C3 UUG I . 5.86 31.97 -10.76
C3 UUG I . 10.46 29.54 -8.74
O1 UUG I . 2.63 32.71 -9.95
O1 UUG I . 10.44 31.17 -3.47
BR UUG I . 5.87 27.44 -7.04
BR UUG I . 5.68 27.67 -6.93
C4 UUG J . 24.63 3.40 -6.89
C5 UUG J . 24.29 1.94 -6.79
C6 UUG J . 23.80 4.36 -6.28
C7 UUG J . 24.09 5.72 -6.36
C UUG J . 25.22 6.09 -7.05
O UUG J . 26.54 2.82 -8.15
C1 UUG J . 26.06 5.17 -7.67
C2 UUG J . 25.75 3.82 -7.60
C3 UUG J . 27.82 3.13 -8.71
O1 UUG J . 24.76 1.35 -5.60
BR UUG J . 25.67 7.92 -7.19
C4 UUG K . 16.30 6.62 -20.70
C5 UUG K . 15.22 7.38 -21.44
C6 UUG K . 17.08 7.30 -19.75
C7 UUG K . 18.08 6.64 -19.04
C UUG K . 18.29 5.31 -19.30
O UUG K . 15.74 4.66 -21.85
C1 UUG K . 17.53 4.60 -20.21
C2 UUG K . 16.57 5.26 -20.94
C3 UUG K . 15.60 3.25 -21.78
O1 UUG K . 14.28 6.55 -22.10
BR UUG K . 19.65 4.39 -18.38
C4 UUG L . 3.50 -33.87 -9.41
C5 UUG L . 3.82 -35.10 -10.23
C6 UUG L . 4.01 -33.72 -8.11
C7 UUG L . 3.71 -32.60 -7.36
C UUG L . 2.94 -31.62 -7.94
O UUG L . 2.28 -33.05 -11.23
C1 UUG L . 2.41 -31.71 -9.21
C2 UUG L . 2.74 -32.83 -9.96
C3 UUG L . 1.16 -32.35 -11.75
O1 UUG L . 3.48 -36.36 -9.60
BR UUG L . 2.54 -30.05 -6.95
C4 UUG M . 17.42 -32.31 3.47
C5 UUG M . 16.39 -33.41 3.42
C6 UUG M . 17.06 -31.03 3.86
C7 UUG M . 18.01 -30.02 3.93
C UUG M . 19.30 -30.29 3.55
O UUG M . 19.00 -33.87 2.68
C1 UUG M . 19.70 -31.56 3.14
C2 UUG M . 18.74 -32.57 3.09
C3 UUG M . 20.31 -34.26 2.25
O1 UUG M . 15.07 -32.90 3.54
BR UUG M . 20.63 -28.94 3.65
#